data_5FF9
#
_entry.id   5FF9
#
_cell.length_a   61.800
_cell.length_b   86.964
_cell.length_c   186.115
_cell.angle_alpha   90.00
_cell.angle_beta   90.00
_cell.angle_gamma   90.00
#
_symmetry.space_group_name_H-M   'P 21 21 21'
#
loop_
_entity.id
_entity.type
_entity.pdbx_description
1 polymer 'Noroxomaritidine/Norcraugsodine Reductase'
2 non-polymer 'NADP NICOTINAMIDE-ADENINE-DINUCLEOTIDE PHOSPHATE'
3 non-polymer 'SULFATE ION'
4 non-polymer 4-(2-aminoethyl)phenol
5 water water
#
_entity_poly.entity_id   1
_entity_poly.type   'polypeptide(L)'
_entity_poly.pdbx_seq_one_letter_code
;MSLEKRWSLEGTTALVTGGTKGIGHAIVEELVGFGARVYTCSRNEAELRKCLQEWENLKYDVTGSVCDVSSRTEREKLAE
EVSSVFNGKLNILINNAGGYVNKPIDGFTAEDFSFLVAVNLESAFHLCQLAHPMLKASGTGSIVHISSCCAQIAIPGHSI
YSSTKGAINQLTRNLACEWAKDNIRTNSIAPGAIRTPGTESFVIDKDALDREVSRVPFGRIGEPEEVASLAAFLCMPSAS
YITGQVICVDGGRTING
;
_entity_poly.pdbx_strand_id   A,B,C,D
#
# COMPACT_ATOMS: atom_id res chain seq x y z
N SER A 2 -5.87 -11.75 31.96
CA SER A 2 -7.30 -11.46 32.04
C SER A 2 -7.67 -10.30 31.13
N LEU A 3 -8.92 -10.33 30.65
CA LEU A 3 -9.47 -9.21 29.87
C LEU A 3 -9.26 -7.88 30.58
N GLU A 4 -9.69 -7.77 31.83
CA GLU A 4 -9.61 -6.49 32.52
C GLU A 4 -8.17 -6.00 32.62
N LYS A 5 -7.21 -6.93 32.74
CA LYS A 5 -5.82 -6.51 32.80
C LYS A 5 -5.33 -6.05 31.43
N ARG A 6 -5.75 -6.73 30.36
CA ARG A 6 -5.25 -6.38 29.03
C ARG A 6 -5.82 -5.06 28.54
N TRP A 7 -7.02 -4.71 28.97
CA TRP A 7 -7.65 -3.49 28.47
C TRP A 7 -7.45 -2.32 29.40
N SER A 8 -6.21 -2.03 29.75
CA SER A 8 -6.12 -1.07 30.81
C SER A 8 -4.75 -0.45 30.87
N LEU A 9 -4.74 0.77 31.38
CA LEU A 9 -3.54 1.54 31.52
C LEU A 9 -3.28 1.93 32.97
N GLU A 10 -3.67 1.11 33.97
CA GLU A 10 -3.38 1.49 35.35
C GLU A 10 -1.88 1.57 35.55
N GLY A 11 -1.44 2.60 36.25
CA GLY A 11 -0.06 2.76 36.62
C GLY A 11 0.88 3.19 35.51
N THR A 12 0.39 3.31 34.27
CA THR A 12 1.28 3.75 33.20
C THR A 12 1.56 5.24 33.32
N THR A 13 2.66 5.66 32.69
CA THR A 13 3.04 7.05 32.54
C THR A 13 3.12 7.39 31.06
N ALA A 14 2.78 8.63 30.72
CA ALA A 14 2.62 9.01 29.33
C ALA A 14 3.01 10.46 29.13
N LEU A 15 3.58 10.76 27.97
CA LEU A 15 3.76 12.14 27.54
C LEU A 15 3.02 12.35 26.22
N VAL A 16 2.18 13.39 26.18
CA VAL A 16 1.38 13.75 25.01
C VAL A 16 1.75 15.17 24.64
N THR A 17 2.33 15.36 23.46
CA THR A 17 2.69 16.70 23.03
C THR A 17 1.49 17.40 22.39
N GLY A 18 1.35 18.70 22.67
CA GLY A 18 0.24 19.47 22.14
C GLY A 18 -1.10 19.05 22.71
N GLY A 19 -1.19 18.93 24.03
CA GLY A 19 -2.37 18.44 24.70
C GLY A 19 -3.43 19.46 25.03
N THR A 20 -3.26 20.74 24.66
CA THR A 20 -4.21 21.76 25.05
C THR A 20 -5.37 21.90 24.09
N LYS A 21 -5.31 21.28 22.91
CA LYS A 21 -6.46 21.40 22.03
C LYS A 21 -6.54 20.22 21.07
N GLY A 22 -7.76 20.00 20.58
CA GLY A 22 -7.99 19.11 19.46
C GLY A 22 -7.76 17.67 19.85
N ILE A 23 -7.03 16.97 18.98
CA ILE A 23 -6.79 15.54 19.17
C ILE A 23 -5.96 15.31 20.44
N GLY A 24 -4.89 16.08 20.61
CA GLY A 24 -4.06 15.94 21.78
C GLY A 24 -4.85 16.06 23.07
N HIS A 25 -5.73 17.07 23.14
CA HIS A 25 -6.58 17.24 24.31
C HIS A 25 -7.45 16.00 24.53
N ALA A 26 -8.03 15.45 23.47
CA ALA A 26 -8.83 14.24 23.64
C ALA A 26 -7.97 13.06 24.09
N ILE A 27 -6.72 12.99 23.60
CA ILE A 27 -5.87 11.85 23.97
C ILE A 27 -5.50 11.93 25.44
N VAL A 28 -5.21 13.13 25.95
CA VAL A 28 -4.94 13.29 27.37
C VAL A 28 -6.09 12.75 28.19
N GLU A 29 -7.32 13.15 27.85
CA GLU A 29 -8.46 12.70 28.65
C GLU A 29 -8.71 11.21 28.49
N GLU A 30 -8.53 10.68 27.27
CA GLU A 30 -8.69 9.24 27.07
C GLU A 30 -7.71 8.46 27.94
N LEU A 31 -6.44 8.87 27.94
CA LEU A 31 -5.41 8.13 28.68
C LEU A 31 -5.69 8.18 30.18
N VAL A 32 -5.98 9.37 30.71
CA VAL A 32 -6.34 9.49 32.12
C VAL A 32 -7.55 8.61 32.42
N GLY A 33 -8.51 8.55 31.49
CA GLY A 33 -9.72 7.78 31.72
C GLY A 33 -9.45 6.31 31.98
N PHE A 34 -8.32 5.80 31.48
CA PHE A 34 -7.94 4.41 31.69
C PHE A 34 -6.89 4.24 32.77
N GLY A 35 -6.53 5.30 33.50
CA GLY A 35 -5.66 5.18 34.64
C GLY A 35 -4.24 5.69 34.44
N ALA A 36 -3.93 6.25 33.28
CA ALA A 36 -2.60 6.78 33.00
C ALA A 36 -2.34 8.07 33.79
N ARG A 37 -1.07 8.31 34.07
CA ARG A 37 -0.62 9.63 34.52
C ARG A 37 0.06 10.31 33.35
N VAL A 38 -0.42 11.50 33.00
CA VAL A 38 -0.08 12.13 31.74
C VAL A 38 0.72 13.40 32.00
N TYR A 39 1.78 13.56 31.23
CA TYR A 39 2.51 14.81 31.11
C TYR A 39 2.23 15.35 29.73
N THR A 40 1.92 16.64 29.64
CA THR A 40 1.67 17.20 28.32
C THR A 40 2.29 18.60 28.28
N CYS A 41 2.19 19.24 27.11
CA CYS A 41 2.87 20.51 26.89
C CYS A 41 2.21 21.25 25.73
N SER A 42 2.51 22.55 25.67
CA SER A 42 2.01 23.44 24.64
C SER A 42 2.90 24.68 24.62
N ARG A 43 2.85 25.39 23.50
CA ARG A 43 3.57 26.65 23.42
C ARG A 43 2.87 27.77 24.20
N ASN A 44 1.58 27.64 24.45
CA ASN A 44 0.81 28.74 25.04
C ASN A 44 0.64 28.49 26.52
N GLU A 45 1.29 29.33 27.34
CA GLU A 45 1.23 29.15 28.78
C GLU A 45 -0.20 29.31 29.31
N ALA A 46 -0.92 30.33 28.83
CA ALA A 46 -2.25 30.62 29.37
C ALA A 46 -3.19 29.42 29.22
N GLU A 47 -3.30 28.88 28.00
CA GLU A 47 -4.21 27.76 27.78
C GLU A 47 -3.73 26.49 28.47
N LEU A 48 -2.42 26.29 28.54
CA LEU A 48 -1.91 25.15 29.30
C LEU A 48 -2.36 25.24 30.76
N ARG A 49 -2.31 26.44 31.33
CA ARG A 49 -2.77 26.65 32.70
C ARG A 49 -4.25 26.30 32.84
N LYS A 50 -5.08 26.80 31.93
CA LYS A 50 -6.52 26.56 32.05
C LYS A 50 -6.84 25.08 31.92
N CYS A 51 -6.19 24.39 30.98
CA CYS A 51 -6.35 22.95 30.84
C CYS A 51 -5.90 22.23 32.11
N LEU A 52 -4.68 22.53 32.59
CA LEU A 52 -4.20 21.91 33.81
C LEU A 52 -5.16 22.17 34.97
N GLN A 53 -5.70 23.38 35.05
CA GLN A 53 -6.64 23.70 36.12
C GLN A 53 -7.97 22.98 35.93
N GLU A 54 -8.44 22.92 34.69
CA GLU A 54 -9.61 22.10 34.39
C GLU A 54 -9.39 20.66 34.86
N TRP A 55 -8.26 20.07 34.48
CA TRP A 55 -8.03 18.66 34.80
C TRP A 55 -7.77 18.48 36.28
N GLU A 56 -7.12 19.45 36.92
CA GLU A 56 -6.95 19.39 38.36
C GLU A 56 -8.30 19.37 39.05
N ASN A 57 -9.24 20.20 38.59
CA ASN A 57 -10.56 20.27 39.22
C ASN A 57 -11.39 19.01 39.00
N LEU A 58 -11.08 18.20 37.99
CA LEU A 58 -11.73 16.90 37.80
C LEU A 58 -10.92 15.77 38.39
N LYS A 59 -9.85 16.08 39.13
CA LYS A 59 -9.02 15.10 39.82
C LYS A 59 -8.28 14.18 38.86
N TYR A 60 -7.92 14.69 37.69
CA TYR A 60 -7.08 13.94 36.77
C TYR A 60 -5.62 14.17 37.13
N ASP A 61 -4.80 13.13 36.94
CA ASP A 61 -3.36 13.24 37.22
C ASP A 61 -2.65 13.68 35.94
N VAL A 62 -2.67 15.00 35.71
CA VAL A 62 -2.04 15.59 34.55
C VAL A 62 -1.04 16.64 35.02
N THR A 63 0.18 16.56 34.50
CA THR A 63 1.19 17.58 34.69
C THR A 63 1.52 18.18 33.34
N GLY A 64 2.03 19.41 33.36
CA GLY A 64 2.31 20.10 32.11
C GLY A 64 3.38 21.14 32.29
N SER A 65 4.13 21.39 31.21
CA SER A 65 5.07 22.49 31.15
C SER A 65 4.98 23.12 29.77
N VAL A 66 5.36 24.40 29.69
CA VAL A 66 5.40 25.09 28.41
C VAL A 66 6.61 24.62 27.62
N CYS A 67 6.39 24.28 26.35
CA CYS A 67 7.46 23.77 25.50
C CYS A 67 7.07 23.96 24.04
N ASP A 68 8.00 24.45 23.23
CA ASP A 68 7.85 24.49 21.78
C ASP A 68 8.68 23.33 21.24
N VAL A 69 8.01 22.25 20.84
CA VAL A 69 8.70 21.05 20.38
C VAL A 69 9.43 21.25 19.06
N SER A 70 9.29 22.41 18.41
CA SER A 70 10.05 22.68 17.20
C SER A 70 11.47 23.14 17.51
N SER A 71 11.79 23.37 18.77
CA SER A 71 13.12 23.83 19.17
C SER A 71 13.87 22.67 19.83
N ARG A 72 15.08 22.43 19.36
CA ARG A 72 15.91 21.34 19.87
C ARG A 72 16.10 21.44 21.38
N THR A 73 16.46 22.63 21.87
CA THR A 73 16.81 22.77 23.29
C THR A 73 15.59 22.57 24.18
N GLU A 74 14.43 23.12 23.79
CA GLU A 74 13.22 22.89 24.56
C GLU A 74 12.85 21.41 24.60
N ARG A 75 13.08 20.67 23.51
CA ARG A 75 12.82 19.24 23.55
C ARG A 75 13.67 18.54 24.61
N GLU A 76 14.96 18.91 24.69
CA GLU A 76 15.83 18.28 25.68
C GLU A 76 15.35 18.62 27.09
N LYS A 77 14.99 19.89 27.33
CA LYS A 77 14.47 20.28 28.64
C LYS A 77 13.18 19.53 28.95
N LEU A 78 12.27 19.42 27.98
CA LEU A 78 11.05 18.67 28.20
C LEU A 78 11.36 17.24 28.62
N ALA A 79 12.27 16.58 27.90
CA ALA A 79 12.58 15.18 28.21
C ALA A 79 13.09 15.02 29.64
N GLU A 80 13.95 15.93 30.10
CA GLU A 80 14.51 15.79 31.44
C GLU A 80 13.46 16.02 32.51
N GLU A 81 12.55 16.98 32.31
CA GLU A 81 11.50 17.16 33.32
C GLU A 81 10.62 15.92 33.42
N VAL A 82 10.28 15.31 32.27
CA VAL A 82 9.42 14.13 32.32
C VAL A 82 10.12 12.97 33.01
N SER A 83 11.41 12.75 32.71
CA SER A 83 12.16 11.72 33.42
C SER A 83 12.16 11.96 34.92
N SER A 84 12.21 13.23 35.34
CA SER A 84 12.20 13.53 36.77
C SER A 84 10.82 13.29 37.39
N VAL A 85 9.76 13.74 36.71
CA VAL A 85 8.42 13.57 37.25
C VAL A 85 8.06 12.09 37.36
N PHE A 86 8.37 11.32 36.33
CA PHE A 86 8.03 9.90 36.29
C PHE A 86 9.20 9.02 36.73
N ASN A 87 10.23 9.60 37.35
CA ASN A 87 11.35 8.84 37.88
C ASN A 87 11.99 7.96 36.80
N GLY A 88 12.20 8.53 35.62
CA GLY A 88 12.89 7.84 34.55
C GLY A 88 12.14 6.70 33.87
N LYS A 89 10.84 6.54 34.09
CA LYS A 89 10.06 5.47 33.46
C LYS A 89 8.90 6.08 32.69
N LEU A 90 8.86 5.84 31.38
CA LEU A 90 7.79 6.33 30.52
C LEU A 90 7.22 5.14 29.77
N ASN A 91 5.92 4.89 29.94
CA ASN A 91 5.32 3.80 29.18
C ASN A 91 4.89 4.26 27.80
N ILE A 92 4.53 5.52 27.64
CA ILE A 92 3.74 5.98 26.50
C ILE A 92 4.28 7.31 25.99
N LEU A 93 4.52 7.40 24.69
CA LEU A 93 4.86 8.67 24.04
C LEU A 93 3.91 8.88 22.87
N ILE A 94 3.18 9.99 22.88
CA ILE A 94 2.24 10.38 21.82
C ILE A 94 2.76 11.65 21.18
N ASN A 95 3.33 11.54 19.98
CA ASN A 95 3.79 12.70 19.22
C ASN A 95 2.63 13.25 18.40
N ASN A 96 1.91 14.21 18.99
CA ASN A 96 0.69 14.79 18.42
C ASN A 96 0.88 16.20 17.91
N ALA A 97 1.73 16.97 18.60
CA ALA A 97 1.99 18.35 18.20
C ALA A 97 2.46 18.39 16.75
N GLY A 98 1.90 19.31 15.99
CA GLY A 98 2.22 19.44 14.59
C GLY A 98 1.83 20.80 14.08
N GLY A 99 2.13 21.02 12.81
CA GLY A 99 1.85 22.30 12.18
C GLY A 99 1.30 22.08 10.78
N TYR A 100 0.62 23.10 10.29
CA TYR A 100 -0.06 23.01 9.00
C TYR A 100 0.12 24.31 8.25
N VAL A 101 0.40 24.21 6.95
CA VAL A 101 0.46 25.37 6.06
C VAL A 101 -0.13 24.92 4.72
N ASN A 102 -1.30 25.46 4.37
CA ASN A 102 -2.01 25.09 3.15
C ASN A 102 -1.72 26.13 2.08
N LYS A 103 -0.89 25.77 1.10
CA LYS A 103 -0.58 26.60 -0.04
C LYS A 103 -0.39 25.69 -1.25
N PRO A 104 -0.57 26.22 -2.46
CA PRO A 104 -0.10 25.47 -3.63
C PRO A 104 1.40 25.24 -3.52
N ILE A 105 1.89 24.22 -4.24
CA ILE A 105 3.31 23.91 -4.20
C ILE A 105 4.15 25.14 -4.50
N ASP A 106 3.66 26.01 -5.39
CA ASP A 106 4.42 27.20 -5.77
C ASP A 106 4.60 28.18 -4.60
N GLY A 107 3.63 28.24 -3.69
CA GLY A 107 3.65 29.30 -2.69
C GLY A 107 4.57 29.06 -1.51
N PHE A 108 5.01 27.81 -1.28
CA PHE A 108 5.76 27.51 -0.07
C PHE A 108 7.09 28.25 -0.05
N THR A 109 7.40 28.86 1.10
CA THR A 109 8.64 29.55 1.33
C THR A 109 9.60 28.65 2.12
N ALA A 110 10.86 29.09 2.22
CA ALA A 110 11.83 28.33 2.98
C ALA A 110 11.41 28.17 4.43
N GLU A 111 10.83 29.22 5.02
CA GLU A 111 10.37 29.12 6.40
C GLU A 111 9.24 28.12 6.52
N ASP A 112 8.27 28.15 5.60
CA ASP A 112 7.19 27.17 5.58
C ASP A 112 7.72 25.75 5.62
N PHE A 113 8.66 25.44 4.73
CA PHE A 113 9.20 24.09 4.65
C PHE A 113 9.94 23.74 5.94
N SER A 114 10.91 24.59 6.32
CA SER A 114 11.63 24.39 7.57
CA SER A 114 11.62 24.38 7.57
C SER A 114 10.67 24.31 8.75
N PHE A 115 9.61 25.12 8.72
CA PHE A 115 8.58 25.09 9.76
C PHE A 115 7.93 23.71 9.88
N LEU A 116 7.48 23.17 8.75
CA LEU A 116 6.70 21.93 8.79
C LEU A 116 7.57 20.74 9.15
N VAL A 117 8.78 20.67 8.61
CA VAL A 117 9.70 19.57 8.92
C VAL A 117 10.06 19.58 10.40
N ALA A 118 10.33 20.76 10.95
CA ALA A 118 10.73 20.86 12.36
C ALA A 118 9.63 20.36 13.29
N VAL A 119 8.39 20.81 13.06
CA VAL A 119 7.31 20.50 14.00
C VAL A 119 6.67 19.14 13.74
N ASN A 120 6.64 18.69 12.48
CA ASN A 120 5.97 17.42 12.17
C ASN A 120 6.93 16.24 12.15
N LEU A 121 8.19 16.44 11.79
CA LEU A 121 9.11 15.32 11.60
C LEU A 121 10.26 15.33 12.61
N GLU A 122 11.08 16.38 12.61
CA GLU A 122 12.24 16.36 13.49
C GLU A 122 11.82 16.38 14.95
N SER A 123 10.73 17.08 15.27
CA SER A 123 10.14 17.04 16.60
C SER A 123 9.96 15.62 17.11
N ALA A 124 9.13 14.83 16.41
CA ALA A 124 8.86 13.46 16.85
C ALA A 124 10.13 12.63 16.89
N PHE A 125 10.99 12.79 15.88
CA PHE A 125 12.16 11.93 15.77
C PHE A 125 13.12 12.17 16.94
N HIS A 126 13.42 13.43 17.23
CA HIS A 126 14.34 13.72 18.33
C HIS A 126 13.73 13.34 19.67
N LEU A 127 12.44 13.62 19.86
CA LEU A 127 11.77 13.24 21.10
C LEU A 127 11.79 11.73 21.29
N CYS A 128 11.68 10.95 20.20
CA CYS A 128 11.81 9.50 20.32
C CYS A 128 13.16 9.11 20.88
N GLN A 129 14.24 9.72 20.37
CA GLN A 129 15.58 9.40 20.89
C GLN A 129 15.70 9.78 22.36
N LEU A 130 15.22 10.97 22.73
CA LEU A 130 15.34 11.39 24.13
C LEU A 130 14.51 10.51 25.05
N ALA A 131 13.37 10.05 24.57
CA ALA A 131 12.48 9.23 25.39
C ALA A 131 12.89 7.75 25.41
N HIS A 132 13.82 7.32 24.57
CA HIS A 132 14.18 5.91 24.47
C HIS A 132 14.64 5.29 25.78
N PRO A 133 15.46 5.92 26.60
CA PRO A 133 15.89 5.24 27.86
C PRO A 133 14.78 5.02 28.86
N MET A 134 13.88 6.01 29.01
CA MET A 134 12.77 5.83 29.94
C MET A 134 11.74 4.85 29.38
N LEU A 135 11.49 4.90 28.07
CA LEU A 135 10.62 3.89 27.45
C LEU A 135 11.21 2.49 27.61
N LYS A 136 12.51 2.33 27.37
CA LYS A 136 13.14 1.05 27.64
C LYS A 136 13.05 0.70 29.12
N ALA A 137 13.27 1.70 30.00
CA ALA A 137 13.27 1.46 31.44
C ALA A 137 11.89 1.08 31.96
N SER A 138 10.82 1.54 31.29
CA SER A 138 9.48 1.14 31.72
C SER A 138 9.24 -0.35 31.54
N GLY A 139 10.01 -1.01 30.67
CA GLY A 139 9.80 -2.40 30.36
C GLY A 139 8.64 -2.68 29.42
N THR A 140 7.80 -1.68 29.12
CA THR A 140 6.73 -1.84 28.15
C THR A 140 6.45 -0.45 27.58
N GLY A 141 6.98 -0.20 26.37
CA GLY A 141 6.89 1.11 25.74
C GLY A 141 5.95 1.09 24.55
N SER A 142 5.26 2.21 24.35
CA SER A 142 4.35 2.39 23.22
C SER A 142 4.47 3.81 22.71
N ILE A 143 4.94 3.94 21.47
CA ILE A 143 5.03 5.23 20.80
C ILE A 143 3.90 5.32 19.78
N VAL A 144 3.16 6.41 19.80
CA VAL A 144 2.12 6.66 18.79
C VAL A 144 2.38 8.02 18.18
N HIS A 145 2.58 8.04 16.86
CA HIS A 145 2.60 9.29 16.10
C HIS A 145 1.21 9.58 15.57
N ILE A 146 0.86 10.87 15.53
CA ILE A 146 -0.34 11.33 14.84
C ILE A 146 0.12 11.84 13.48
N SER A 147 -0.09 11.03 12.46
CA SER A 147 0.29 11.35 11.08
C SER A 147 -0.91 11.97 10.38
N SER A 148 -1.15 11.60 9.13
CA SER A 148 -2.39 12.04 8.49
C SER A 148 -2.71 11.14 7.32
N CYS A 149 -4.01 10.96 7.08
CA CYS A 149 -4.42 10.10 5.97
C CYS A 149 -4.06 10.70 4.62
N CYS A 150 -3.77 12.01 4.57
CA CYS A 150 -3.39 12.60 3.30
C CYS A 150 -1.99 12.22 2.89
N ALA A 151 -1.26 11.46 3.71
CA ALA A 151 0.04 10.91 3.36
C ALA A 151 -0.06 9.70 2.43
N GLN A 152 -1.27 9.41 1.93
CA GLN A 152 -1.45 8.36 0.95
C GLN A 152 -2.15 8.84 -0.31
N ILE A 153 -2.64 10.08 -0.33
CA ILE A 153 -3.36 10.65 -1.46
C ILE A 153 -2.94 12.11 -1.62
N ALA A 154 -3.42 12.76 -2.67
CA ALA A 154 -3.07 14.15 -2.95
C ALA A 154 -4.29 15.03 -2.69
N ILE A 155 -4.22 15.83 -1.64
CA ILE A 155 -5.23 16.85 -1.33
C ILE A 155 -4.63 18.21 -1.64
N PRO A 156 -5.35 19.08 -2.36
CA PRO A 156 -4.77 20.38 -2.75
C PRO A 156 -4.28 21.16 -1.54
N GLY A 157 -3.12 21.80 -1.68
CA GLY A 157 -2.52 22.58 -0.62
C GLY A 157 -1.75 21.80 0.42
N HIS A 158 -1.68 20.46 0.31
CA HIS A 158 -1.14 19.62 1.36
C HIS A 158 0.28 19.13 1.08
N SER A 159 0.93 19.60 0.02
CA SER A 159 2.10 18.92 -0.52
C SER A 159 3.22 18.74 0.51
N ILE A 160 3.60 19.82 1.21
CA ILE A 160 4.68 19.69 2.19
C ILE A 160 4.18 19.05 3.48
N TYR A 161 2.99 19.45 3.92
CA TYR A 161 2.40 18.86 5.11
C TYR A 161 2.29 17.34 4.97
N SER A 162 1.75 16.88 3.84
CA SER A 162 1.59 15.44 3.63
C SER A 162 2.94 14.74 3.55
N SER A 163 3.94 15.39 2.96
CA SER A 163 5.26 14.76 2.87
C SER A 163 5.89 14.52 4.23
N THR A 164 5.76 15.48 5.15
CA THR A 164 6.28 15.25 6.50
C THR A 164 5.55 14.11 7.20
N LYS A 165 4.24 13.98 6.98
CA LYS A 165 3.51 12.88 7.59
C LYS A 165 3.87 11.55 6.94
N GLY A 166 4.16 11.56 5.64
CA GLY A 166 4.66 10.35 5.00
C GLY A 166 6.01 9.92 5.58
N ALA A 167 6.86 10.89 5.90
CA ALA A 167 8.12 10.58 6.56
C ALA A 167 7.88 9.98 7.94
N ILE A 168 6.91 10.52 8.67
CA ILE A 168 6.50 9.94 9.95
C ILE A 168 6.09 8.49 9.77
N ASN A 169 5.31 8.20 8.72
CA ASN A 169 4.83 6.85 8.50
C ASN A 169 5.98 5.88 8.30
N GLN A 170 7.00 6.30 7.53
CA GLN A 170 8.17 5.44 7.34
C GLN A 170 8.96 5.32 8.64
N LEU A 171 9.09 6.41 9.38
CA LEU A 171 9.84 6.38 10.63
C LEU A 171 9.20 5.42 11.64
N THR A 172 7.87 5.34 11.64
CA THR A 172 7.19 4.34 12.48
C THR A 172 7.70 2.94 12.19
N ARG A 173 7.91 2.61 10.92
CA ARG A 173 8.40 1.27 10.60
C ARG A 173 9.80 1.04 11.12
N ASN A 174 10.70 2.02 10.95
CA ASN A 174 12.07 1.85 11.44
C ASN A 174 12.09 1.71 12.95
N LEU A 175 11.32 2.56 13.65
CA LEU A 175 11.25 2.49 15.11
C LEU A 175 10.70 1.15 15.56
N ALA A 176 9.64 0.67 14.90
CA ALA A 176 9.03 -0.59 15.31
C ALA A 176 10.03 -1.75 15.22
N CYS A 177 10.85 -1.75 14.17
CA CYS A 177 11.78 -2.86 14.03
C CYS A 177 13.02 -2.69 14.90
N GLU A 178 13.59 -1.47 14.99
CA GLU A 178 14.84 -1.35 15.72
C GLU A 178 14.67 -1.47 17.23
N TRP A 179 13.52 -1.07 17.77
CA TRP A 179 13.32 -1.08 19.21
C TRP A 179 12.37 -2.18 19.68
N ALA A 180 11.99 -3.10 18.81
CA ALA A 180 11.24 -4.26 19.29
C ALA A 180 12.02 -5.02 20.34
N LYS A 181 13.35 -5.02 20.23
CA LYS A 181 14.22 -5.69 21.20
C LYS A 181 14.06 -5.09 22.60
N ASP A 182 13.67 -3.82 22.71
CA ASP A 182 13.47 -3.16 23.99
C ASP A 182 12.03 -3.21 24.46
N ASN A 183 11.19 -4.05 23.84
CA ASN A 183 9.78 -4.17 24.17
C ASN A 183 9.05 -2.84 24.01
N ILE A 184 9.46 -2.08 22.99
CA ILE A 184 8.80 -0.84 22.60
C ILE A 184 8.11 -1.07 21.27
N ARG A 185 6.82 -0.76 21.20
CA ARG A 185 6.06 -0.76 19.96
C ARG A 185 5.86 0.67 19.46
N THR A 186 5.74 0.81 18.15
CA THR A 186 5.54 2.11 17.54
C THR A 186 4.50 1.98 16.44
N ASN A 187 3.47 2.84 16.47
CA ASN A 187 2.42 2.85 15.46
C ASN A 187 2.02 4.29 15.16
N SER A 188 1.39 4.49 14.00
CA SER A 188 0.94 5.81 13.58
CA SER A 188 0.94 5.81 13.58
C SER A 188 -0.57 5.78 13.35
N ILE A 189 -1.24 6.84 13.76
CA ILE A 189 -2.66 7.05 13.47
C ILE A 189 -2.73 8.17 12.44
N ALA A 190 -3.42 7.91 11.34
CA ALA A 190 -3.53 8.87 10.24
C ALA A 190 -4.96 9.40 10.14
N PRO A 191 -5.31 10.47 10.86
CA PRO A 191 -6.68 10.98 10.79
C PRO A 191 -6.97 11.60 9.42
N GLY A 192 -8.25 11.56 9.06
CA GLY A 192 -8.79 12.41 8.02
C GLY A 192 -9.11 13.76 8.59
N ALA A 193 -10.14 14.40 8.04
CA ALA A 193 -10.59 15.68 8.56
C ALA A 193 -11.27 15.48 9.91
N ILE A 194 -10.76 16.16 10.94
CA ILE A 194 -11.26 16.06 12.31
C ILE A 194 -11.61 17.46 12.78
N ARG A 195 -12.72 17.57 13.49
CA ARG A 195 -13.15 18.87 14.00
C ARG A 195 -12.23 19.30 15.13
N THR A 196 -11.36 20.28 14.84
CA THR A 196 -10.43 20.85 15.82
C THR A 196 -10.28 22.35 15.56
N PRO A 197 -9.62 23.09 16.46
CA PRO A 197 -9.32 24.49 16.16
C PRO A 197 -8.31 24.69 15.04
N GLY A 198 -7.44 23.71 14.78
CA GLY A 198 -6.64 23.76 13.57
C GLY A 198 -7.47 23.81 12.30
N THR A 199 -8.65 23.21 12.32
CA THR A 199 -9.50 23.09 11.13
C THR A 199 -10.65 24.11 11.09
N ASP A 210 -17.46 21.68 2.25
CA ASP A 210 -18.28 20.64 1.64
C ASP A 210 -17.49 19.81 0.63
N ARG A 211 -16.32 20.32 0.23
CA ARG A 211 -15.51 19.61 -0.75
C ARG A 211 -14.95 18.31 -0.17
N GLU A 212 -14.44 18.36 1.06
CA GLU A 212 -13.86 17.18 1.66
C GLU A 212 -14.94 16.24 2.19
N VAL A 213 -16.00 16.78 2.79
CA VAL A 213 -17.06 15.93 3.35
C VAL A 213 -17.76 15.15 2.25
N SER A 214 -17.98 15.78 1.10
CA SER A 214 -18.56 15.06 -0.03
C SER A 214 -17.72 13.85 -0.45
N ARG A 215 -16.44 13.79 -0.07
CA ARG A 215 -15.59 12.66 -0.38
C ARG A 215 -15.47 11.64 0.75
N VAL A 216 -16.07 11.91 1.90
CA VAL A 216 -16.09 10.94 3.01
C VAL A 216 -17.31 10.11 2.88
N PRO A 217 -17.19 8.76 2.75
CA PRO A 217 -18.38 7.88 2.72
C PRO A 217 -19.34 8.13 3.88
N PHE A 218 -18.84 8.34 5.09
CA PHE A 218 -19.71 8.67 6.22
C PHE A 218 -20.33 10.06 6.11
N GLY A 219 -19.85 10.91 5.20
CA GLY A 219 -20.47 12.19 4.98
C GLY A 219 -20.34 13.16 6.13
N ARG A 220 -19.33 12.99 6.99
CA ARG A 220 -19.10 13.92 8.08
C ARG A 220 -17.62 13.91 8.42
N ILE A 221 -17.15 15.01 9.02
CA ILE A 221 -15.81 15.07 9.57
C ILE A 221 -15.77 14.25 10.85
N GLY A 222 -14.57 13.93 11.34
CA GLY A 222 -14.45 13.16 12.56
C GLY A 222 -14.39 14.04 13.81
N GLU A 223 -14.56 13.38 14.97
CA GLU A 223 -14.47 13.96 16.30
C GLU A 223 -13.14 13.58 16.93
N PRO A 224 -12.55 14.48 17.73
CA PRO A 224 -11.25 14.15 18.36
C PRO A 224 -11.28 12.84 19.12
N GLU A 225 -12.37 12.50 19.82
CA GLU A 225 -12.39 11.25 20.57
C GLU A 225 -12.36 10.03 19.64
N GLU A 226 -12.67 10.22 18.36
CA GLU A 226 -12.59 9.12 17.41
C GLU A 226 -11.16 8.80 17.02
N VAL A 227 -10.23 9.74 17.22
CA VAL A 227 -8.80 9.48 17.10
C VAL A 227 -8.21 9.01 18.43
N ALA A 228 -8.62 9.65 19.53
CA ALA A 228 -8.04 9.36 20.85
C ALA A 228 -8.33 7.94 21.30
N SER A 229 -9.49 7.40 20.92
CA SER A 229 -9.83 6.03 21.27
C SER A 229 -8.75 5.06 20.80
N LEU A 230 -8.39 5.16 19.52
CA LEU A 230 -7.39 4.26 18.97
C LEU A 230 -6.02 4.49 19.59
N ALA A 231 -5.68 5.76 19.88
CA ALA A 231 -4.39 6.03 20.51
C ALA A 231 -4.27 5.29 21.84
N ALA A 232 -5.34 5.30 22.63
CA ALA A 232 -5.33 4.58 23.91
C ALA A 232 -5.28 3.07 23.71
N PHE A 233 -6.05 2.56 22.72
CA PHE A 233 -6.02 1.12 22.51
C PHE A 233 -4.62 0.65 22.13
N LEU A 234 -3.93 1.40 21.27
CA LEU A 234 -2.60 0.99 20.83
C LEU A 234 -1.58 1.02 21.96
N CYS A 235 -1.89 1.66 23.09
CA CYS A 235 -1.00 1.64 24.23
C CYS A 235 -1.33 0.56 25.24
N MET A 236 -2.41 -0.15 25.07
CA MET A 236 -2.78 -1.16 26.05
C MET A 236 -2.07 -2.47 25.81
N PRO A 237 -1.96 -3.31 26.85
CA PRO A 237 -1.42 -4.66 26.64
C PRO A 237 -2.18 -5.45 25.60
N SER A 238 -3.43 -5.10 25.30
CA SER A 238 -4.18 -5.85 24.30
CA SER A 238 -4.21 -5.81 24.30
C SER A 238 -3.61 -5.64 22.90
N ALA A 239 -2.86 -4.56 22.67
CA ALA A 239 -2.21 -4.29 21.40
C ALA A 239 -0.81 -4.87 21.32
N SER A 240 -0.53 -5.92 22.11
CA SER A 240 0.85 -6.39 22.31
C SER A 240 1.51 -6.92 21.04
N TYR A 241 0.75 -7.28 20.02
CA TYR A 241 1.34 -7.79 18.79
C TYR A 241 1.15 -6.83 17.63
N ILE A 242 0.77 -5.59 17.90
CA ILE A 242 0.56 -4.58 16.87
C ILE A 242 1.73 -3.58 16.94
N THR A 243 2.54 -3.55 15.89
CA THR A 243 3.63 -2.59 15.81
C THR A 243 3.98 -2.35 14.35
N GLY A 244 4.44 -1.13 14.05
CA GLY A 244 4.85 -0.78 12.71
C GLY A 244 3.74 -0.38 11.76
N GLN A 245 2.51 -0.19 12.26
CA GLN A 245 1.35 0.01 11.43
C GLN A 245 0.98 1.49 11.32
N VAL A 246 0.38 1.84 10.17
CA VAL A 246 -0.23 3.15 9.97
C VAL A 246 -1.72 2.92 9.76
N ILE A 247 -2.54 3.41 10.69
CA ILE A 247 -3.98 3.12 10.69
C ILE A 247 -4.72 4.41 10.40
N CYS A 248 -5.50 4.43 9.31
CA CYS A 248 -6.27 5.61 8.98
C CYS A 248 -7.56 5.65 9.79
N VAL A 249 -7.87 6.84 10.31
CA VAL A 249 -9.14 7.11 10.97
C VAL A 249 -9.83 8.24 10.20
N ASP A 250 -10.52 7.88 9.12
CA ASP A 250 -10.97 8.87 8.14
C ASP A 250 -12.36 8.62 7.57
N GLY A 251 -13.16 7.76 8.21
CA GLY A 251 -14.50 7.52 7.69
C GLY A 251 -14.53 6.98 6.29
N GLY A 252 -13.42 6.43 5.83
CA GLY A 252 -13.30 5.84 4.50
C GLY A 252 -12.79 6.77 3.42
N ARG A 253 -12.32 7.97 3.80
CA ARG A 253 -12.04 9.00 2.80
C ARG A 253 -10.98 8.56 1.79
N THR A 254 -9.87 7.97 2.28
CA THR A 254 -8.77 7.63 1.40
C THR A 254 -9.12 6.55 0.37
N ILE A 255 -10.06 5.66 0.68
CA ILE A 255 -10.38 4.55 -0.23
C ILE A 255 -11.60 4.83 -1.09
N ASN A 256 -12.21 6.00 -0.97
CA ASN A 256 -13.48 6.29 -1.64
C ASN A 256 -13.21 6.73 -3.07
N GLY A 257 -13.61 5.90 -4.04
CA GLY A 257 -13.43 6.20 -5.44
C GLY A 257 -14.74 6.29 -6.21
N MET B 1 -21.22 8.22 24.04
CA MET B 1 -20.86 9.53 24.58
C MET B 1 -19.74 9.42 25.59
N SER B 2 -20.06 8.89 26.76
CA SER B 2 -19.07 8.72 27.81
C SER B 2 -18.07 7.63 27.45
N LEU B 3 -16.91 7.67 28.12
CA LEU B 3 -15.88 6.66 27.88
C LEU B 3 -16.42 5.26 28.10
N GLU B 4 -17.18 5.07 29.18
CA GLU B 4 -17.72 3.76 29.51
C GLU B 4 -18.68 3.26 28.44
N LYS B 5 -19.47 4.15 27.86
CA LYS B 5 -20.36 3.78 26.76
C LYS B 5 -19.58 3.42 25.50
N ARG B 6 -18.58 4.25 25.16
CA ARG B 6 -17.83 4.09 23.92
C ARG B 6 -16.93 2.87 23.91
N TRP B 7 -16.62 2.31 25.08
CA TRP B 7 -15.79 1.11 25.13
C TRP B 7 -16.58 -0.09 25.62
N SER B 8 -17.80 -0.27 25.11
CA SER B 8 -18.69 -1.31 25.60
C SER B 8 -19.45 -1.92 24.43
N LEU B 9 -19.73 -3.22 24.51
CA LEU B 9 -20.60 -3.92 23.56
C LEU B 9 -21.91 -4.37 24.20
N GLU B 10 -22.26 -3.77 25.34
CA GLU B 10 -23.53 -4.05 26.01
C GLU B 10 -24.69 -3.86 25.07
N GLY B 11 -25.59 -4.84 25.04
CA GLY B 11 -26.76 -4.73 24.20
C GLY B 11 -26.55 -5.06 22.74
N THR B 12 -25.36 -5.53 22.33
CA THR B 12 -25.16 -5.86 20.94
C THR B 12 -25.31 -7.36 20.71
N THR B 13 -25.49 -7.71 19.44
CA THR B 13 -25.55 -9.10 18.99
C THR B 13 -24.49 -9.31 17.91
N ALA B 14 -23.94 -10.52 17.86
CA ALA B 14 -22.78 -10.75 17.02
C ALA B 14 -22.78 -12.17 16.50
N LEU B 15 -22.30 -12.34 15.28
CA LEU B 15 -22.10 -13.64 14.68
C LEU B 15 -20.60 -13.78 14.39
N VAL B 16 -19.98 -14.84 14.92
CA VAL B 16 -18.56 -15.17 14.68
C VAL B 16 -18.53 -16.54 14.01
N THR B 17 -18.03 -16.62 12.78
CA THR B 17 -17.95 -17.94 12.15
C THR B 17 -16.67 -18.65 12.62
N GLY B 18 -16.78 -19.97 12.83
CA GLY B 18 -15.61 -20.72 13.28
C GLY B 18 -15.14 -20.36 14.68
N GLY B 19 -16.04 -20.43 15.66
CA GLY B 19 -15.77 -20.03 17.02
C GLY B 19 -15.36 -21.11 17.99
N THR B 20 -15.09 -22.33 17.53
CA THR B 20 -14.80 -23.41 18.48
C THR B 20 -13.32 -23.53 18.85
N LYS B 21 -12.41 -22.88 18.12
CA LYS B 21 -11.01 -22.95 18.51
C LYS B 21 -10.27 -21.76 17.89
N GLY B 22 -9.02 -21.61 18.30
CA GLY B 22 -8.12 -20.65 17.68
C GLY B 22 -8.60 -19.23 17.86
N ILE B 23 -8.39 -18.42 16.81
CA ILE B 23 -8.72 -17.01 16.84
C ILE B 23 -10.22 -16.82 17.05
N GLY B 24 -11.02 -17.64 16.37
CA GLY B 24 -12.47 -17.49 16.47
C GLY B 24 -12.98 -17.66 17.88
N HIS B 25 -12.48 -18.67 18.59
CA HIS B 25 -12.88 -18.87 19.97
C HIS B 25 -12.44 -17.70 20.86
N ALA B 26 -11.25 -17.16 20.63
CA ALA B 26 -10.81 -16.01 21.40
C ALA B 26 -11.71 -14.80 21.14
N ILE B 27 -12.18 -14.65 19.90
CA ILE B 27 -13.07 -13.52 19.58
C ILE B 27 -14.42 -13.69 20.26
N VAL B 28 -14.99 -14.91 20.23
CA VAL B 28 -16.26 -15.12 20.94
C VAL B 28 -16.12 -14.66 22.39
N GLU B 29 -15.04 -15.08 23.05
CA GLU B 29 -14.91 -14.73 24.47
C GLU B 29 -14.64 -13.25 24.67
N GLU B 30 -13.87 -12.63 23.78
CA GLU B 30 -13.62 -11.20 23.90
C GLU B 30 -14.91 -10.41 23.76
N LEU B 31 -15.74 -10.75 22.77
CA LEU B 31 -17.00 -10.04 22.58
C LEU B 31 -17.95 -10.24 23.76
N VAL B 32 -18.06 -11.46 24.27
CA VAL B 32 -18.87 -11.71 25.46
C VAL B 32 -18.36 -10.88 26.64
N GLY B 33 -17.03 -10.83 26.81
CA GLY B 33 -16.43 -10.06 27.88
C GLY B 33 -16.83 -8.60 27.89
N PHE B 34 -17.22 -8.06 26.74
CA PHE B 34 -17.66 -6.68 26.64
C PHE B 34 -19.17 -6.53 26.56
N GLY B 35 -19.91 -7.62 26.74
CA GLY B 35 -21.34 -7.55 26.90
C GLY B 35 -22.15 -8.02 25.71
N ALA B 36 -21.50 -8.49 24.65
CA ALA B 36 -22.24 -8.93 23.47
C ALA B 36 -22.92 -10.26 23.71
N ARG B 37 -24.06 -10.45 23.03
CA ARG B 37 -24.65 -11.77 22.83
C ARG B 37 -24.11 -12.33 21.53
N VAL B 38 -23.55 -13.54 21.57
CA VAL B 38 -22.79 -14.08 20.45
C VAL B 38 -23.46 -15.33 19.92
N TYR B 39 -23.49 -15.47 18.60
CA TYR B 39 -23.84 -16.69 17.89
C TYR B 39 -22.57 -17.19 17.19
N THR B 40 -22.31 -18.50 17.22
CA THR B 40 -21.16 -19.00 16.50
C THR B 40 -21.51 -20.33 15.82
N CYS B 41 -20.55 -20.88 15.08
CA CYS B 41 -20.77 -22.09 14.31
C CYS B 41 -19.42 -22.77 14.08
N SER B 42 -19.47 -24.04 13.71
CA SER B 42 -18.32 -24.71 13.10
C SER B 42 -18.88 -25.91 12.37
N ARG B 43 -18.00 -26.70 11.76
CA ARG B 43 -18.51 -27.87 11.03
C ARG B 43 -18.75 -29.08 11.93
N ASN B 44 -18.36 -29.01 13.21
CA ASN B 44 -18.23 -30.18 14.08
C ASN B 44 -19.21 -30.07 15.26
N GLU B 45 -20.27 -30.88 15.22
CA GLU B 45 -21.32 -30.79 16.22
C GLU B 45 -20.82 -31.13 17.62
N ALA B 46 -20.00 -32.18 17.74
CA ALA B 46 -19.53 -32.58 19.07
C ALA B 46 -18.68 -31.48 19.70
N GLU B 47 -17.76 -30.90 18.92
CA GLU B 47 -16.93 -29.82 19.44
C GLU B 47 -17.75 -28.56 19.73
N LEU B 48 -18.72 -28.27 18.87
CA LEU B 48 -19.51 -27.06 19.10
C LEU B 48 -20.39 -27.22 20.34
N ARG B 49 -21.04 -28.38 20.49
CA ARG B 49 -21.84 -28.62 21.70
C ARG B 49 -20.98 -28.51 22.95
N LYS B 50 -19.74 -29.01 22.88
CA LYS B 50 -18.84 -28.93 24.02
C LYS B 50 -18.52 -27.49 24.39
N CYS B 51 -18.17 -26.68 23.38
CA CYS B 51 -17.92 -25.25 23.62
C CYS B 51 -19.14 -24.57 24.22
N LEU B 52 -20.31 -24.84 23.65
CA LEU B 52 -21.53 -24.20 24.13
C LEU B 52 -21.82 -24.60 25.57
N GLN B 53 -21.55 -25.85 25.91
CA GLN B 53 -21.78 -26.29 27.28
C GLN B 53 -20.82 -25.59 28.23
N GLU B 54 -19.56 -25.39 27.80
CA GLU B 54 -18.61 -24.66 28.64
C GLU B 54 -19.05 -23.21 28.83
N TRP B 55 -19.54 -22.57 27.76
CA TRP B 55 -19.92 -21.16 27.85
C TRP B 55 -21.15 -20.97 28.74
N GLU B 56 -22.07 -21.92 28.74
CA GLU B 56 -23.19 -21.86 29.69
C GLU B 56 -22.70 -21.93 31.13
N ASN B 57 -21.77 -22.87 31.40
CA ASN B 57 -21.23 -22.98 32.76
C ASN B 57 -20.44 -21.76 33.15
N LEU B 58 -19.87 -21.04 32.19
CA LEU B 58 -19.29 -19.73 32.45
C LEU B 58 -20.34 -18.62 32.52
N LYS B 59 -21.61 -18.94 32.26
CA LYS B 59 -22.67 -17.95 32.15
C LYS B 59 -22.37 -16.92 31.06
N TYR B 60 -21.78 -17.36 29.94
CA TYR B 60 -21.64 -16.53 28.76
C TYR B 60 -22.82 -16.77 27.83
N ASP B 61 -23.35 -15.68 27.25
CA ASP B 61 -24.50 -15.78 26.36
C ASP B 61 -24.03 -16.10 24.95
N VAL B 62 -23.85 -17.38 24.65
CA VAL B 62 -23.40 -17.81 23.32
C VAL B 62 -24.38 -18.87 22.82
N THR B 63 -24.82 -18.72 21.58
CA THR B 63 -25.70 -19.67 20.89
C THR B 63 -24.93 -20.22 19.69
N GLY B 64 -25.28 -21.43 19.24
CA GLY B 64 -24.55 -22.00 18.12
C GLY B 64 -25.34 -23.03 17.35
N SER B 65 -24.92 -23.23 16.08
CA SER B 65 -25.43 -24.27 15.20
C SER B 65 -24.29 -24.77 14.31
N VAL B 66 -24.45 -25.98 13.78
CA VAL B 66 -23.47 -26.50 12.83
C VAL B 66 -23.65 -25.78 11.50
N CYS B 67 -22.55 -25.33 10.92
CA CYS B 67 -22.62 -24.70 9.61
C CYS B 67 -21.27 -24.86 8.93
N ASP B 68 -21.27 -25.42 7.72
CA ASP B 68 -20.09 -25.36 6.87
C ASP B 68 -20.22 -24.11 5.99
N VAL B 69 -19.45 -23.06 6.30
CA VAL B 69 -19.66 -21.79 5.60
C VAL B 69 -19.15 -21.80 4.16
N SER B 70 -18.51 -22.88 3.72
CA SER B 70 -18.17 -23.00 2.30
C SER B 70 -19.35 -23.47 1.45
N SER B 71 -20.48 -23.80 2.05
CA SER B 71 -21.67 -24.24 1.32
C SER B 71 -22.69 -23.11 1.29
N ARG B 72 -23.23 -22.84 0.09
CA ARG B 72 -24.23 -21.76 -0.04
C ARG B 72 -25.51 -22.07 0.73
N THR B 73 -25.99 -23.29 0.67
CA THR B 73 -27.24 -23.62 1.37
CA THR B 73 -27.24 -23.62 1.37
C THR B 73 -27.05 -23.57 2.89
N GLU B 74 -25.86 -23.94 3.36
CA GLU B 74 -25.59 -23.87 4.79
C GLU B 74 -25.50 -22.43 5.27
N ARG B 75 -24.91 -21.55 4.46
CA ARG B 75 -24.84 -20.13 4.84
C ARG B 75 -26.24 -19.55 4.92
N GLU B 76 -27.10 -19.88 3.96
CA GLU B 76 -28.48 -19.40 4.00
C GLU B 76 -29.20 -19.87 5.25
N LYS B 77 -29.04 -21.00 5.59
CA LYS B 77 -29.61 -21.57 6.80
C LYS B 77 -29.06 -20.86 8.03
N LEU B 78 -27.80 -20.75 8.12
CA LEU B 78 -27.21 -20.06 9.27
C LEU B 78 -27.80 -18.66 9.43
N ALA B 79 -27.93 -17.92 8.33
CA ALA B 79 -28.42 -16.55 8.41
C ALA B 79 -29.87 -16.52 8.89
N GLU B 80 -30.69 -17.47 8.44
CA GLU B 80 -32.05 -17.55 8.96
C GLU B 80 -32.07 -17.88 10.46
N GLU B 81 -31.19 -18.79 10.90
CA GLU B 81 -31.17 -19.15 12.32
C GLU B 81 -30.71 -17.98 13.19
N VAL B 82 -29.69 -17.26 12.73
CA VAL B 82 -29.19 -16.07 13.43
C VAL B 82 -30.27 -15.00 13.52
N SER B 83 -30.95 -14.74 12.39
CA SER B 83 -31.98 -13.70 12.41
C SER B 83 -33.12 -14.08 13.36
N SER B 84 -33.46 -15.37 13.44
CA SER B 84 -34.51 -15.82 14.35
C SER B 84 -34.10 -15.62 15.81
N VAL B 85 -32.87 -15.99 16.15
CA VAL B 85 -32.39 -15.86 17.52
C VAL B 85 -32.27 -14.39 17.93
N PHE B 86 -31.76 -13.54 17.04
CA PHE B 86 -31.56 -12.13 17.36
C PHE B 86 -32.71 -11.23 16.88
N ASN B 87 -33.87 -11.79 16.53
CA ASN B 87 -35.04 -11.00 16.14
CA ASN B 87 -35.04 -11.00 16.14
C ASN B 87 -34.68 -10.02 15.02
N GLY B 88 -33.92 -10.50 14.04
CA GLY B 88 -33.60 -9.75 12.85
C GLY B 88 -32.64 -8.60 13.00
N LYS B 89 -31.92 -8.48 14.12
CA LYS B 89 -30.99 -7.37 14.33
C LYS B 89 -29.63 -7.93 14.68
N LEU B 90 -28.63 -7.56 13.91
CA LEU B 90 -27.28 -8.05 14.10
C LEU B 90 -26.34 -6.85 14.10
N ASN B 91 -25.63 -6.64 15.21
CA ASN B 91 -24.67 -5.54 15.24
C ASN B 91 -23.34 -5.90 14.60
N ILE B 92 -22.92 -7.15 14.69
CA ILE B 92 -21.52 -7.50 14.42
C ILE B 92 -21.46 -8.78 13.62
N LEU B 93 -20.68 -8.78 12.54
CA LEU B 93 -20.38 -9.97 11.76
C LEU B 93 -18.86 -10.13 11.72
N ILE B 94 -18.36 -11.24 12.25
CA ILE B 94 -16.93 -11.54 12.20
C ILE B 94 -16.74 -12.75 11.29
N ASN B 95 -16.14 -12.51 10.11
CA ASN B 95 -15.84 -13.57 9.15
C ASN B 95 -14.47 -14.15 9.47
N ASN B 96 -14.46 -15.08 10.42
CA ASN B 96 -13.23 -15.70 10.90
C ASN B 96 -12.93 -17.02 10.21
N ALA B 97 -13.95 -17.82 9.88
CA ALA B 97 -13.68 -19.14 9.30
C ALA B 97 -12.89 -19.00 8.00
N GLY B 98 -11.91 -19.88 7.81
CA GLY B 98 -11.07 -19.84 6.63
C GLY B 98 -10.45 -21.20 6.41
N GLY B 99 -9.55 -21.26 5.43
CA GLY B 99 -8.90 -22.52 5.12
C GLY B 99 -7.52 -22.28 4.53
N TYR B 100 -6.69 -23.32 4.54
CA TYR B 100 -5.29 -23.13 4.24
C TYR B 100 -4.76 -24.36 3.52
N VAL B 101 -4.07 -24.14 2.41
CA VAL B 101 -3.34 -25.17 1.70
C VAL B 101 -1.99 -24.56 1.37
N ASN B 102 -0.92 -25.28 1.67
CA ASN B 102 0.44 -24.78 1.42
C ASN B 102 1.07 -25.66 0.35
N LYS B 103 1.28 -25.08 -0.84
CA LYS B 103 1.93 -25.80 -1.91
C LYS B 103 2.70 -24.80 -2.76
N PRO B 104 3.75 -25.25 -3.45
CA PRO B 104 4.28 -24.44 -4.55
C PRO B 104 3.19 -24.21 -5.60
N ILE B 105 3.29 -23.06 -6.29
CA ILE B 105 2.31 -22.70 -7.31
C ILE B 105 2.04 -23.87 -8.28
N ASP B 106 3.11 -24.53 -8.78
CA ASP B 106 2.91 -25.65 -9.69
C ASP B 106 2.06 -26.77 -9.08
N GLY B 107 1.97 -26.83 -7.76
CA GLY B 107 1.31 -27.97 -7.12
C GLY B 107 -0.20 -27.88 -6.99
N PHE B 108 -0.77 -26.67 -7.08
CA PHE B 108 -2.17 -26.48 -6.75
C PHE B 108 -3.08 -27.11 -7.80
N THR B 109 -4.04 -27.90 -7.34
CA THR B 109 -5.05 -28.50 -8.20
C THR B 109 -6.26 -27.57 -8.30
N ALA B 110 -7.19 -27.93 -9.20
CA ALA B 110 -8.42 -27.16 -9.32
C ALA B 110 -9.23 -27.20 -8.02
N GLU B 111 -9.21 -28.36 -7.34
CA GLU B 111 -9.93 -28.48 -6.07
C GLU B 111 -9.31 -27.65 -4.96
N ASP B 112 -7.96 -27.62 -4.89
CA ASP B 112 -7.28 -26.71 -3.97
C ASP B 112 -7.73 -25.28 -4.20
N PHE B 113 -7.78 -24.85 -5.46
CA PHE B 113 -8.17 -23.47 -5.77
C PHE B 113 -9.60 -23.23 -5.32
N SER B 114 -10.51 -24.13 -5.69
CA SER B 114 -11.92 -24.00 -5.36
C SER B 114 -12.15 -24.02 -3.84
N PHE B 115 -11.45 -24.92 -3.14
CA PHE B 115 -11.55 -24.99 -1.69
C PHE B 115 -11.18 -23.66 -1.04
N LEU B 116 -10.05 -23.07 -1.45
CA LEU B 116 -9.63 -21.83 -0.80
C LEU B 116 -10.53 -20.67 -1.16
N VAL B 117 -10.98 -20.58 -2.42
CA VAL B 117 -11.86 -19.47 -2.78
C VAL B 117 -13.19 -19.57 -2.04
N ALA B 118 -13.75 -20.78 -1.90
CA ALA B 118 -15.06 -20.92 -1.27
C ALA B 118 -15.03 -20.54 0.21
N VAL B 119 -14.03 -21.01 0.94
CA VAL B 119 -14.04 -20.77 2.40
C VAL B 119 -13.41 -19.42 2.75
N ASN B 120 -12.43 -18.94 1.99
CA ASN B 120 -11.85 -17.66 2.39
C ASN B 120 -12.56 -16.44 1.80
N LEU B 121 -13.15 -16.55 0.62
CA LEU B 121 -13.66 -15.37 -0.06
C LEU B 121 -15.17 -15.44 -0.26
N GLU B 122 -15.67 -16.53 -0.86
CA GLU B 122 -17.11 -16.57 -1.13
C GLU B 122 -17.91 -16.65 0.16
N SER B 123 -17.41 -17.37 1.16
CA SER B 123 -18.13 -17.45 2.44
C SER B 123 -18.35 -16.07 3.02
N ALA B 124 -17.27 -15.27 3.13
CA ALA B 124 -17.39 -13.94 3.67
C ALA B 124 -18.30 -13.08 2.81
N PHE B 125 -18.13 -13.15 1.49
CA PHE B 125 -18.92 -12.28 0.62
C PHE B 125 -20.40 -12.57 0.77
N HIS B 126 -20.76 -13.86 0.68
CA HIS B 126 -22.19 -14.21 0.74
C HIS B 126 -22.75 -13.99 2.13
N LEU B 127 -21.97 -14.25 3.17
CA LEU B 127 -22.49 -13.95 4.51
C LEU B 127 -22.66 -12.45 4.74
N CYS B 128 -21.80 -11.60 4.15
CA CYS B 128 -22.11 -10.16 4.19
C CYS B 128 -23.44 -9.84 3.50
N GLN B 129 -23.68 -10.41 2.31
CA GLN B 129 -24.96 -10.17 1.64
C GLN B 129 -26.12 -10.63 2.51
N LEU B 130 -26.01 -11.84 3.07
CA LEU B 130 -27.13 -12.39 3.84
C LEU B 130 -27.37 -11.59 5.10
N ALA B 131 -26.31 -11.09 5.72
CA ALA B 131 -26.40 -10.35 6.97
C ALA B 131 -26.79 -8.88 6.79
N HIS B 132 -26.66 -8.34 5.58
CA HIS B 132 -26.91 -6.90 5.36
C HIS B 132 -28.23 -6.40 5.92
N PRO B 133 -29.38 -7.07 5.71
CA PRO B 133 -30.61 -6.52 6.30
C PRO B 133 -30.55 -6.45 7.81
N MET B 134 -29.97 -7.46 8.48
CA MET B 134 -29.89 -7.48 9.94
C MET B 134 -28.90 -6.44 10.45
N LEU B 135 -27.77 -6.28 9.77
CA LEU B 135 -26.82 -5.23 10.15
C LEU B 135 -27.45 -3.85 10.04
N LYS B 136 -28.19 -3.60 8.95
CA LYS B 136 -28.85 -2.31 8.80
C LYS B 136 -29.94 -2.13 9.84
N ALA B 137 -30.66 -3.20 10.18
CA ALA B 137 -31.77 -3.06 11.11
C ALA B 137 -31.28 -2.84 12.54
N SER B 138 -30.04 -3.23 12.84
CA SER B 138 -29.44 -2.95 14.15
C SER B 138 -29.19 -1.47 14.36
N GLY B 139 -29.11 -0.69 13.28
CA GLY B 139 -28.81 0.71 13.37
C GLY B 139 -27.33 1.02 13.49
N THR B 140 -26.52 0.04 13.87
CA THR B 140 -25.08 0.23 14.03
C THR B 140 -24.43 -1.11 13.74
N GLY B 141 -23.74 -1.21 12.61
CA GLY B 141 -23.20 -2.47 12.14
C GLY B 141 -21.69 -2.41 12.04
N SER B 142 -21.05 -3.54 12.30
CA SER B 142 -19.61 -3.65 12.20
C SER B 142 -19.28 -5.02 11.63
N ILE B 143 -18.57 -5.02 10.50
CA ILE B 143 -18.10 -6.24 9.84
C ILE B 143 -16.59 -6.27 10.00
N VAL B 144 -16.06 -7.39 10.48
CA VAL B 144 -14.61 -7.58 10.60
C VAL B 144 -14.27 -8.88 9.88
N HIS B 145 -13.40 -8.79 8.88
CA HIS B 145 -12.89 -9.98 8.19
C HIS B 145 -11.55 -10.33 8.80
N ILE B 146 -11.26 -11.62 8.93
CA ILE B 146 -9.95 -12.05 9.38
C ILE B 146 -9.20 -12.44 8.12
N SER B 147 -8.31 -11.55 7.67
CA SER B 147 -7.52 -11.72 6.46
C SER B 147 -6.18 -12.39 6.79
N SER B 148 -5.09 -11.87 6.24
CA SER B 148 -3.77 -12.39 6.61
C SER B 148 -2.72 -11.35 6.22
N CYS B 149 -1.70 -11.19 7.04
CA CYS B 149 -0.66 -10.24 6.65
C CYS B 149 0.10 -10.69 5.42
N CYS B 150 -0.01 -11.96 5.03
CA CYS B 150 0.74 -12.39 3.85
C CYS B 150 0.02 -12.00 2.55
N ALA B 151 -1.10 -11.27 2.64
CA ALA B 151 -1.71 -10.63 1.47
C ALA B 151 -0.95 -9.38 1.03
N GLN B 152 0.21 -9.09 1.62
CA GLN B 152 1.05 -7.98 1.19
C GLN B 152 2.48 -8.39 0.83
N ILE B 153 2.86 -9.65 1.08
CA ILE B 153 4.21 -10.13 0.83
C ILE B 153 4.10 -11.54 0.27
N ALA B 154 5.22 -12.09 -0.18
CA ALA B 154 5.25 -13.44 -0.76
C ALA B 154 5.86 -14.38 0.25
N ILE B 155 5.06 -15.30 0.79
CA ILE B 155 5.55 -16.35 1.66
C ILE B 155 5.51 -17.64 0.87
N PRO B 156 6.60 -18.42 0.84
CA PRO B 156 6.60 -19.65 0.06
C PRO B 156 5.39 -20.52 0.40
N GLY B 157 4.74 -21.05 -0.64
CA GLY B 157 3.61 -21.94 -0.46
C GLY B 157 2.27 -21.26 -0.28
N HIS B 158 2.23 -19.94 -0.11
CA HIS B 158 1.01 -19.23 0.24
C HIS B 158 0.25 -18.67 -0.96
N SER B 159 0.61 -18.99 -2.21
CA SER B 159 0.08 -18.22 -3.35
C SER B 159 -1.45 -18.10 -3.34
N ILE B 160 -2.18 -19.22 -3.39
CA ILE B 160 -3.64 -19.09 -3.48
C ILE B 160 -4.21 -18.56 -2.17
N TYR B 161 -3.68 -19.02 -1.04
CA TYR B 161 -4.18 -18.56 0.24
C TYR B 161 -4.09 -17.04 0.34
N SER B 162 -2.89 -16.49 0.09
CA SER B 162 -2.68 -15.05 0.17
C SER B 162 -3.53 -14.31 -0.85
N SER B 163 -3.71 -14.87 -2.04
N SER B 163 -3.73 -14.91 -2.03
CA SER B 163 -4.52 -14.21 -3.06
CA SER B 163 -4.52 -14.27 -3.08
C SER B 163 -5.98 -14.09 -2.62
C SER B 163 -5.98 -14.13 -2.68
N THR B 164 -6.53 -15.16 -2.02
CA THR B 164 -7.91 -15.05 -1.54
C THR B 164 -8.02 -14.02 -0.42
N LYS B 165 -7.00 -13.93 0.44
CA LYS B 165 -6.99 -12.91 1.50
C LYS B 165 -6.77 -11.50 0.92
N GLY B 166 -6.00 -11.36 -0.17
CA GLY B 166 -5.94 -10.06 -0.83
C GLY B 166 -7.29 -9.64 -1.41
N ALA B 167 -8.06 -10.62 -1.91
CA ALA B 167 -9.40 -10.32 -2.39
C ALA B 167 -10.28 -9.81 -1.26
N ILE B 168 -10.18 -10.44 -0.08
CA ILE B 168 -10.89 -9.98 1.12
C ILE B 168 -10.53 -8.54 1.46
N ASN B 169 -9.23 -8.20 1.40
CA ASN B 169 -8.78 -6.84 1.71
C ASN B 169 -9.46 -5.82 0.80
N GLN B 170 -9.56 -6.13 -0.50
CA GLN B 170 -10.24 -5.23 -1.41
C GLN B 170 -11.75 -5.20 -1.13
N LEU B 171 -12.36 -6.36 -0.95
CA LEU B 171 -13.80 -6.37 -0.64
C LEU B 171 -14.11 -5.50 0.57
N THR B 172 -13.23 -5.50 1.58
CA THR B 172 -13.35 -4.61 2.74
C THR B 172 -13.58 -3.17 2.33
N ARG B 173 -12.80 -2.69 1.36
CA ARG B 173 -12.94 -1.32 0.89
C ARG B 173 -14.28 -1.09 0.20
N ASN B 174 -14.69 -2.02 -0.66
CA ASN B 174 -16.00 -1.84 -1.30
C ASN B 174 -17.14 -1.86 -0.29
N LEU B 175 -17.12 -2.82 0.64
CA LEU B 175 -18.19 -2.85 1.66
C LEU B 175 -18.21 -1.57 2.47
N ALA B 176 -17.03 -1.09 2.86
CA ALA B 176 -16.95 0.14 3.66
C ALA B 176 -17.63 1.30 2.95
N CYS B 177 -17.41 1.44 1.65
CA CYS B 177 -17.94 2.59 0.95
C CYS B 177 -19.41 2.40 0.58
N GLU B 178 -19.81 1.21 0.15
CA GLU B 178 -21.18 1.05 -0.33
C GLU B 178 -22.21 1.06 0.80
N TRP B 179 -21.83 0.56 1.98
CA TRP B 179 -22.78 0.44 3.08
C TRP B 179 -22.59 1.45 4.20
N ALA B 180 -21.68 2.43 4.03
CA ALA B 180 -21.58 3.52 5.01
C ALA B 180 -22.92 4.20 5.21
N LYS B 181 -23.71 4.30 4.14
CA LYS B 181 -25.02 4.95 4.23
C LYS B 181 -25.97 4.20 5.15
N ASP B 182 -25.72 2.91 5.43
CA ASP B 182 -26.52 2.12 6.34
C ASP B 182 -25.93 2.10 7.75
N ASN B 183 -24.93 2.96 8.01
CA ASN B 183 -24.19 3.01 9.27
C ASN B 183 -23.53 1.66 9.59
N ILE B 184 -22.99 1.02 8.57
CA ILE B 184 -22.21 -0.21 8.70
C ILE B 184 -20.77 0.11 8.35
N ARG B 185 -19.85 -0.26 9.24
CA ARG B 185 -18.42 -0.15 8.98
C ARG B 185 -17.86 -1.54 8.72
N THR B 186 -16.80 -1.58 7.89
CA THR B 186 -16.18 -2.84 7.53
C THR B 186 -14.67 -2.65 7.56
N ASN B 187 -13.98 -3.55 8.25
CA ASN B 187 -12.54 -3.51 8.37
C ASN B 187 -12.01 -4.93 8.29
N SER B 188 -10.71 -5.06 8.05
CA SER B 188 -10.04 -6.35 8.00
CA SER B 188 -10.06 -6.35 8.03
C SER B 188 -8.91 -6.34 9.02
N ILE B 189 -8.72 -7.46 9.72
CA ILE B 189 -7.56 -7.69 10.56
C ILE B 189 -6.68 -8.72 9.85
N ALA B 190 -5.40 -8.42 9.73
CA ALA B 190 -4.49 -9.28 8.97
C ALA B 190 -3.43 -9.84 9.92
N PRO B 191 -3.65 -11.02 10.51
CA PRO B 191 -2.66 -11.58 11.42
C PRO B 191 -1.43 -12.11 10.70
N GLY B 192 -0.29 -12.03 11.39
CA GLY B 192 0.84 -12.87 11.08
C GLY B 192 0.59 -14.24 11.67
N ALA B 193 1.66 -15.01 11.85
CA ALA B 193 1.49 -16.35 12.44
C ALA B 193 0.98 -16.25 13.87
N ILE B 194 -0.12 -16.97 14.15
CA ILE B 194 -0.76 -17.04 15.47
C ILE B 194 -0.80 -18.50 15.90
N ARG B 195 -0.48 -18.77 17.17
CA ARG B 195 -0.59 -20.10 17.76
C ARG B 195 -2.05 -20.51 17.88
N THR B 196 -2.49 -21.44 17.03
CA THR B 196 -3.86 -21.95 17.03
C THR B 196 -3.79 -23.44 16.72
N PRO B 197 -4.89 -24.19 16.87
CA PRO B 197 -4.89 -25.57 16.38
C PRO B 197 -4.61 -25.65 14.89
N GLY B 198 -5.07 -24.65 14.13
CA GLY B 198 -4.75 -24.60 12.72
C GLY B 198 -3.27 -24.56 12.41
N THR B 199 -2.46 -23.94 13.27
CA THR B 199 -1.03 -23.86 13.01
C THR B 199 -0.21 -24.87 13.82
N GLU B 200 -0.87 -25.83 14.49
CA GLU B 200 -0.12 -26.70 15.40
C GLU B 200 0.91 -27.56 14.66
N SER B 201 0.56 -28.07 13.46
CA SER B 201 1.53 -28.82 12.68
C SER B 201 2.70 -27.94 12.25
N PHE B 202 2.44 -26.66 11.98
CA PHE B 202 3.49 -25.71 11.66
C PHE B 202 4.42 -25.50 12.86
N VAL B 203 3.84 -25.32 14.05
CA VAL B 203 4.65 -25.06 15.24
C VAL B 203 5.52 -26.26 15.57
N ILE B 204 4.98 -27.47 15.37
CA ILE B 204 5.78 -28.69 15.60
C ILE B 204 6.94 -28.76 14.62
N ASP B 205 6.78 -28.22 13.41
CA ASP B 205 7.85 -28.20 12.42
C ASP B 205 8.86 -27.14 12.84
N LYS B 206 9.87 -27.57 13.60
CA LYS B 206 10.77 -26.59 14.23
C LYS B 206 11.54 -25.77 13.19
N ASP B 207 11.93 -26.38 12.07
CA ASP B 207 12.64 -25.62 11.05
C ASP B 207 11.73 -24.58 10.39
N ALA B 208 10.48 -24.94 10.12
CA ALA B 208 9.54 -23.98 9.56
C ALA B 208 9.19 -22.89 10.57
N LEU B 209 9.14 -23.24 11.85
CA LEU B 209 8.83 -22.25 12.88
C LEU B 209 9.96 -21.22 13.01
N ASP B 210 11.20 -21.69 13.15
CA ASP B 210 12.30 -20.73 13.28
C ASP B 210 12.43 -19.85 12.06
N ARG B 211 12.15 -20.40 10.88
CA ARG B 211 12.23 -19.62 9.64
C ARG B 211 11.30 -18.42 9.69
N GLU B 212 10.05 -18.65 10.11
CA GLU B 212 9.08 -17.57 10.20
C GLU B 212 9.40 -16.63 11.36
N VAL B 213 9.76 -17.20 12.51
CA VAL B 213 9.98 -16.37 13.71
C VAL B 213 11.22 -15.50 13.55
N SER B 214 12.21 -15.96 12.78
CA SER B 214 13.39 -15.14 12.53
C SER B 214 13.03 -13.85 11.79
N ARG B 215 11.85 -13.78 11.21
CA ARG B 215 11.42 -12.62 10.45
C ARG B 215 10.49 -11.71 11.22
N VAL B 216 10.12 -12.09 12.44
CA VAL B 216 9.26 -11.26 13.27
C VAL B 216 10.15 -10.46 14.19
N PRO B 217 10.08 -9.12 14.17
CA PRO B 217 10.91 -8.34 15.10
C PRO B 217 10.71 -8.73 16.55
N PHE B 218 9.47 -9.11 16.92
CA PHE B 218 9.20 -9.51 18.29
C PHE B 218 9.72 -10.90 18.63
N GLY B 219 10.19 -11.67 17.65
CA GLY B 219 10.87 -12.92 17.92
C GLY B 219 9.96 -14.03 18.39
N ARG B 220 8.66 -13.93 18.14
CA ARG B 220 7.70 -14.95 18.53
C ARG B 220 6.48 -14.87 17.61
N ILE B 221 5.73 -15.97 17.55
CA ILE B 221 4.43 -15.94 16.90
C ILE B 221 3.44 -15.31 17.87
N GLY B 222 2.25 -14.95 17.37
CA GLY B 222 1.28 -14.27 18.18
C GLY B 222 0.35 -15.23 18.88
N GLU B 223 -0.50 -14.68 19.76
CA GLU B 223 -1.48 -15.48 20.48
C GLU B 223 -2.88 -15.06 20.05
N PRO B 224 -3.86 -15.97 20.12
CA PRO B 224 -5.20 -15.64 19.60
C PRO B 224 -5.81 -14.39 20.22
N GLU B 225 -5.56 -14.11 21.50
CA GLU B 225 -6.16 -12.93 22.10
C GLU B 225 -5.54 -11.64 21.60
N GLU B 226 -4.35 -11.70 21.00
CA GLU B 226 -3.75 -10.52 20.39
C GLU B 226 -4.45 -10.12 19.09
N VAL B 227 -5.20 -11.04 18.48
CA VAL B 227 -6.06 -10.71 17.35
C VAL B 227 -7.45 -10.34 17.84
N ALA B 228 -7.95 -11.07 18.84
CA ALA B 228 -9.32 -10.88 19.30
C ALA B 228 -9.55 -9.51 19.91
N SER B 229 -8.56 -8.96 20.59
CA SER B 229 -8.73 -7.66 21.23
CA SER B 229 -8.75 -7.65 21.23
C SER B 229 -9.06 -6.57 20.20
N LEU B 230 -8.35 -6.58 19.08
CA LEU B 230 -8.60 -5.60 18.04
C LEU B 230 -9.93 -5.86 17.35
N ALA B 231 -10.32 -7.12 17.22
CA ALA B 231 -11.66 -7.39 16.67
C ALA B 231 -12.74 -6.78 17.54
N ALA B 232 -12.60 -6.91 18.87
CA ALA B 232 -13.56 -6.28 19.77
C ALA B 232 -13.52 -4.76 19.65
N PHE B 233 -12.32 -4.17 19.61
CA PHE B 233 -12.22 -2.71 19.54
C PHE B 233 -12.87 -2.17 18.27
N LEU B 234 -12.63 -2.81 17.12
CA LEU B 234 -13.23 -2.34 15.87
C LEU B 234 -14.75 -2.40 15.89
N CYS B 235 -15.34 -3.19 16.78
CA CYS B 235 -16.79 -3.24 16.90
C CYS B 235 -17.37 -2.25 17.89
N MET B 236 -16.53 -1.52 18.65
CA MET B 236 -17.06 -0.62 19.66
C MET B 236 -17.43 0.74 19.07
N PRO B 237 -18.32 1.48 19.74
CA PRO B 237 -18.57 2.87 19.33
C PRO B 237 -17.30 3.71 19.28
N SER B 238 -16.25 3.36 20.03
CA SER B 238 -15.02 4.14 19.96
C SER B 238 -14.35 4.03 18.59
N ALA B 239 -14.65 2.99 17.81
CA ALA B 239 -14.10 2.86 16.47
C ALA B 239 -14.99 3.50 15.41
N SER B 240 -15.79 4.50 15.79
CA SER B 240 -16.89 5.02 14.96
C SER B 240 -16.41 5.60 13.63
N TYR B 241 -15.18 6.10 13.56
CA TYR B 241 -14.67 6.71 12.35
C TYR B 241 -13.65 5.81 11.63
N ILE B 242 -13.56 4.54 11.98
CA ILE B 242 -12.61 3.61 11.37
C ILE B 242 -13.39 2.68 10.44
N THR B 243 -13.20 2.84 9.15
CA THR B 243 -13.85 1.94 8.19
C THR B 243 -12.96 1.83 6.97
N GLY B 244 -13.02 0.64 6.35
CA GLY B 244 -12.30 0.31 5.14
C GLY B 244 -10.83 0.02 5.28
N GLN B 245 -10.36 -0.22 6.51
CA GLN B 245 -8.94 -0.40 6.80
CA GLN B 245 -8.95 -0.40 6.78
C GLN B 245 -8.57 -1.87 6.88
N VAL B 246 -7.31 -2.16 6.57
CA VAL B 246 -6.69 -3.47 6.76
C VAL B 246 -5.55 -3.25 7.76
N ILE B 247 -5.66 -3.88 8.93
CA ILE B 247 -4.74 -3.64 10.04
C ILE B 247 -3.97 -4.93 10.32
N CYS B 248 -2.65 -4.90 10.15
CA CYS B 248 -1.83 -6.07 10.41
C CYS B 248 -1.58 -6.25 11.90
N VAL B 249 -1.78 -7.47 12.37
CA VAL B 249 -1.43 -7.87 13.73
C VAL B 249 -0.35 -8.95 13.62
N ASP B 250 0.92 -8.51 13.48
CA ASP B 250 1.95 -9.45 13.04
C ASP B 250 3.30 -9.19 13.71
N GLY B 251 3.34 -8.47 14.82
CA GLY B 251 4.59 -8.25 15.51
C GLY B 251 5.65 -7.56 14.67
N GLY B 252 5.26 -6.85 13.61
CA GLY B 252 6.19 -6.18 12.72
C GLY B 252 6.66 -7.00 11.55
N ARG B 253 6.07 -8.18 11.33
CA ARG B 253 6.57 -9.14 10.34
C ARG B 253 6.69 -8.54 8.95
N THR B 254 5.62 -7.89 8.46
CA THR B 254 5.55 -7.51 7.05
C THR B 254 6.42 -6.31 6.71
N ILE B 255 6.67 -5.42 7.66
CA ILE B 255 7.51 -4.25 7.39
C ILE B 255 8.96 -4.48 7.77
N ASN B 256 9.30 -5.67 8.24
CA ASN B 256 10.67 -5.95 8.64
C ASN B 256 11.53 -6.21 7.42
N GLY B 257 12.74 -5.67 7.44
CA GLY B 257 13.63 -5.76 6.29
C GLY B 257 15.03 -6.19 6.67
N GLU C 4 7.40 4.78 -33.25
CA GLU C 4 8.77 5.29 -33.21
C GLU C 4 8.86 6.59 -32.42
N LYS C 5 7.87 7.48 -32.60
CA LYS C 5 7.87 8.74 -31.86
C LYS C 5 7.48 8.53 -30.40
N ARG C 6 6.60 7.58 -30.12
CA ARG C 6 6.20 7.33 -28.74
C ARG C 6 7.38 6.85 -27.90
N TRP C 7 8.39 6.25 -28.52
CA TRP C 7 9.53 5.74 -27.79
C TRP C 7 10.80 6.54 -28.06
N SER C 8 10.73 7.86 -27.98
CA SER C 8 11.87 8.73 -28.24
C SER C 8 11.85 9.93 -27.31
N LEU C 9 13.04 10.50 -27.07
CA LEU C 9 13.17 11.75 -26.35
C LEU C 9 13.85 12.81 -27.20
N GLU C 10 13.76 12.69 -28.51
CA GLU C 10 14.38 13.65 -29.40
C GLU C 10 13.73 15.01 -29.27
N GLY C 11 14.54 16.06 -29.34
CA GLY C 11 14.03 17.40 -29.14
C GLY C 11 13.69 17.75 -27.72
N THR C 12 14.02 16.90 -26.76
CA THR C 12 13.74 17.19 -25.36
C THR C 12 14.98 17.71 -24.65
N THR C 13 14.74 18.49 -23.60
CA THR C 13 15.75 19.03 -22.72
C THR C 13 15.53 18.47 -21.31
N ALA C 14 16.64 18.16 -20.63
CA ALA C 14 16.60 17.44 -19.37
C ALA C 14 17.62 18.01 -18.39
N LEU C 15 17.24 18.05 -17.11
CA LEU C 15 18.16 18.32 -16.02
C LEU C 15 18.22 17.10 -15.11
N VAL C 16 19.44 16.66 -14.79
CA VAL C 16 19.70 15.49 -13.95
C VAL C 16 20.66 15.93 -12.86
N THR C 17 20.19 15.96 -11.61
CA THR C 17 21.08 16.32 -10.51
C THR C 17 21.99 15.15 -10.16
N GLY C 18 23.28 15.43 -10.01
CA GLY C 18 24.22 14.40 -9.59
C GLY C 18 24.50 13.37 -10.65
N GLY C 19 24.85 13.81 -11.86
CA GLY C 19 25.10 12.94 -12.97
C GLY C 19 26.53 12.46 -13.16
N THR C 20 27.43 12.70 -12.21
CA THR C 20 28.83 12.34 -12.43
C THR C 20 29.12 10.89 -12.10
N LYS C 21 28.28 10.24 -11.29
CA LYS C 21 28.54 8.89 -10.82
C LYS C 21 27.23 8.14 -10.64
N GLY C 22 27.33 6.82 -10.66
CA GLY C 22 26.23 5.97 -10.20
C GLY C 22 24.99 6.03 -11.08
N ILE C 23 23.83 6.01 -10.42
CA ILE C 23 22.55 6.05 -11.15
C ILE C 23 22.46 7.30 -12.03
N GLY C 24 22.75 8.47 -11.45
CA GLY C 24 22.69 9.70 -12.22
C GLY C 24 23.45 9.62 -13.52
N HIS C 25 24.67 9.07 -13.47
CA HIS C 25 25.47 8.98 -14.69
C HIS C 25 24.80 8.09 -15.72
N ALA C 26 24.21 6.97 -15.28
CA ALA C 26 23.49 6.10 -16.20
C ALA C 26 22.25 6.77 -16.77
N ILE C 27 21.56 7.59 -15.96
CA ILE C 27 20.41 8.33 -16.46
C ILE C 27 20.82 9.33 -17.53
N VAL C 28 21.92 10.06 -17.32
CA VAL C 28 22.39 10.99 -18.34
C VAL C 28 22.58 10.28 -19.67
N GLU C 29 23.30 9.14 -19.64
CA GLU C 29 23.59 8.43 -20.89
C GLU C 29 22.33 7.84 -21.52
N GLU C 30 21.42 7.30 -20.70
CA GLU C 30 20.19 6.76 -21.26
C GLU C 30 19.39 7.87 -21.97
N LEU C 31 19.20 9.00 -21.29
CA LEU C 31 18.45 10.10 -21.89
C LEU C 31 19.11 10.60 -23.17
N VAL C 32 20.43 10.79 -23.14
CA VAL C 32 21.14 11.17 -24.36
C VAL C 32 20.95 10.12 -25.43
N GLY C 33 21.03 8.85 -25.04
CA GLY C 33 20.86 7.76 -26.00
C GLY C 33 19.56 7.82 -26.75
N PHE C 34 18.55 8.47 -26.17
CA PHE C 34 17.23 8.59 -26.78
C PHE C 34 16.95 9.96 -27.37
N GLY C 35 17.96 10.83 -27.47
CA GLY C 35 17.79 12.09 -28.18
C GLY C 35 17.73 13.33 -27.32
N ALA C 36 17.70 13.21 -25.99
CA ALA C 36 17.59 14.38 -25.14
C ALA C 36 18.89 15.18 -25.11
N ARG C 37 18.75 16.45 -24.74
CA ARG C 37 19.86 17.28 -24.32
C ARG C 37 19.83 17.41 -22.81
N VAL C 38 20.97 17.20 -22.18
CA VAL C 38 21.03 17.01 -20.74
C VAL C 38 21.89 18.09 -20.12
N TYR C 39 21.41 18.64 -19.01
CA TYR C 39 22.17 19.49 -18.12
C TYR C 39 22.31 18.74 -16.81
N THR C 40 23.53 18.65 -16.28
CA THR C 40 23.77 17.90 -15.05
C THR C 40 24.67 18.71 -14.14
N CYS C 41 24.89 18.18 -12.93
CA CYS C 41 25.67 18.91 -11.94
C CYS C 41 26.18 17.94 -10.88
N SER C 42 27.12 18.45 -10.09
CA SER C 42 27.84 17.74 -9.04
C SER C 42 28.46 18.80 -8.12
N ARG C 43 29.01 18.36 -7.00
CA ARG C 43 29.76 19.29 -6.17
C ARG C 43 31.24 19.31 -6.53
N ASN C 44 31.69 18.50 -7.49
CA ASN C 44 33.11 18.29 -7.75
C ASN C 44 33.44 18.77 -9.15
N GLU C 45 34.06 19.96 -9.23
CA GLU C 45 34.39 20.55 -10.52
C GLU C 45 35.22 19.61 -11.39
N ALA C 46 36.26 18.99 -10.81
CA ALA C 46 37.20 18.20 -11.60
C ALA C 46 36.48 17.06 -12.31
N GLU C 47 35.79 16.21 -11.55
CA GLU C 47 35.10 15.06 -12.14
C GLU C 47 33.99 15.49 -13.09
N LEU C 48 33.20 16.50 -12.70
CA LEU C 48 32.20 17.06 -13.60
C LEU C 48 32.84 17.42 -14.92
N ARG C 49 33.95 18.18 -14.84
CA ARG C 49 34.74 18.53 -16.01
C ARG C 49 35.14 17.31 -16.82
N LYS C 50 35.78 16.33 -16.17
CA LYS C 50 36.14 15.09 -16.86
C LYS C 50 34.93 14.45 -17.54
N CYS C 51 33.80 14.37 -16.83
CA CYS C 51 32.63 13.70 -17.38
C CYS C 51 32.17 14.33 -18.68
N LEU C 52 32.20 15.67 -18.76
CA LEU C 52 31.72 16.32 -19.98
C LEU C 52 32.65 16.09 -21.15
N GLN C 53 33.97 16.14 -20.92
CA GLN C 53 34.91 15.84 -22.00
C GLN C 53 34.62 14.49 -22.62
N GLU C 54 34.51 13.45 -21.78
CA GLU C 54 34.09 12.15 -22.27
C GLU C 54 32.85 12.32 -23.14
N TRP C 55 31.74 12.77 -22.55
CA TRP C 55 30.50 12.90 -23.32
C TRP C 55 30.68 13.73 -24.59
N GLU C 56 31.44 14.83 -24.54
CA GLU C 56 31.58 15.64 -25.75
C GLU C 56 32.42 14.93 -26.81
N ASN C 57 33.29 14.01 -26.40
CA ASN C 57 33.95 13.14 -27.38
C ASN C 57 32.98 12.23 -28.11
N LEU C 58 31.81 11.96 -27.52
CA LEU C 58 30.94 10.86 -27.93
C LEU C 58 29.69 11.30 -28.68
N LYS C 59 29.58 12.57 -29.08
CA LYS C 59 28.44 13.17 -29.78
C LYS C 59 27.32 13.63 -28.84
N TYR C 60 27.56 13.63 -27.53
CA TYR C 60 26.49 13.83 -26.55
C TYR C 60 26.37 15.31 -26.19
N ASP C 61 25.16 15.86 -26.34
CA ASP C 61 24.92 17.25 -25.96
C ASP C 61 24.62 17.22 -24.47
N VAL C 62 25.68 17.37 -23.68
CA VAL C 62 25.59 17.43 -22.23
C VAL C 62 26.24 18.72 -21.75
N THR C 63 25.59 19.36 -20.79
CA THR C 63 26.06 20.61 -20.20
C THR C 63 26.06 20.45 -18.69
N GLY C 64 26.95 21.18 -18.03
CA GLY C 64 27.06 21.05 -16.59
C GLY C 64 27.57 22.32 -15.92
N SER C 65 27.35 22.37 -14.61
CA SER C 65 27.97 23.35 -13.73
C SER C 65 27.98 22.74 -12.33
N VAL C 66 28.88 23.26 -11.49
CA VAL C 66 29.03 22.74 -10.14
C VAL C 66 27.88 23.28 -9.28
N CYS C 67 27.12 22.37 -8.68
CA CYS C 67 26.03 22.74 -7.80
C CYS C 67 26.00 21.78 -6.62
N ASP C 68 25.99 22.32 -5.41
CA ASP C 68 25.62 21.55 -4.23
C ASP C 68 24.11 21.72 -4.06
N VAL C 69 23.35 20.68 -4.38
CA VAL C 69 21.90 20.81 -4.33
C VAL C 69 21.46 20.68 -2.88
N SER C 70 22.40 20.82 -1.93
CA SER C 70 22.02 21.03 -0.55
C SER C 70 22.04 22.51 -0.11
N SER C 71 22.28 23.38 -1.09
CA SER C 71 22.27 24.81 -0.90
C SER C 71 21.19 25.53 -1.69
N ARG C 72 20.36 26.27 -0.98
CA ARG C 72 19.22 26.93 -1.60
C ARG C 72 19.73 27.90 -2.61
N THR C 73 20.75 28.65 -2.23
CA THR C 73 21.27 29.68 -3.07
C THR C 73 21.80 29.03 -4.31
N GLU C 74 22.48 27.94 -4.13
CA GLU C 74 23.03 27.21 -5.25
C GLU C 74 21.95 26.68 -6.16
N ARG C 75 20.87 26.22 -5.54
CA ARG C 75 19.75 25.69 -6.28
C ARG C 75 19.15 26.79 -7.18
N GLU C 76 18.97 27.97 -6.62
CA GLU C 76 18.42 29.08 -7.38
C GLU C 76 19.37 29.36 -8.51
N LYS C 77 20.66 29.27 -8.21
CA LYS C 77 21.66 29.48 -9.23
C LYS C 77 21.59 28.48 -10.37
N LEU C 78 21.42 27.22 -10.02
CA LEU C 78 21.33 26.17 -11.01
C LEU C 78 20.12 26.31 -11.91
N ALA C 79 19.01 26.63 -11.29
CA ALA C 79 17.79 26.82 -12.06
C ALA C 79 17.93 27.96 -13.07
N GLU C 80 18.56 29.07 -12.67
CA GLU C 80 18.72 30.20 -13.60
C GLU C 80 19.57 29.84 -14.80
N GLU C 81 20.68 29.15 -14.56
CA GLU C 81 21.51 28.70 -15.64
C GLU C 81 20.88 27.70 -16.52
N VAL C 82 20.18 26.75 -15.91
CA VAL C 82 19.43 25.82 -16.74
C VAL C 82 18.45 26.57 -17.62
N SER C 83 17.66 27.47 -17.02
CA SER C 83 16.67 28.23 -17.78
C SER C 83 17.32 29.01 -18.91
N SER C 84 18.49 29.61 -18.65
CA SER C 84 19.18 30.34 -19.71
C SER C 84 19.62 29.40 -20.82
N VAL C 85 20.18 28.24 -20.48
CA VAL C 85 20.69 27.33 -21.50
C VAL C 85 19.55 26.84 -22.39
N PHE C 86 18.43 26.44 -21.78
CA PHE C 86 17.31 25.88 -22.50
C PHE C 86 16.25 26.93 -22.84
N ASN C 87 16.54 28.22 -22.65
CA ASN C 87 15.60 29.29 -22.97
C ASN C 87 14.26 29.10 -22.24
N GLY C 88 14.34 28.72 -20.96
CA GLY C 88 13.14 28.63 -20.14
C GLY C 88 12.19 27.51 -20.50
N LYS C 89 12.63 26.53 -21.29
CA LYS C 89 11.84 25.34 -21.60
C LYS C 89 12.58 24.11 -21.11
N LEU C 90 11.94 23.34 -20.25
CA LEU C 90 12.53 22.10 -19.72
C LEU C 90 11.48 21.00 -19.77
N ASN C 91 11.81 19.90 -20.45
CA ASN C 91 10.88 18.77 -20.48
C ASN C 91 11.02 17.88 -19.27
N ILE C 92 12.26 17.68 -18.79
CA ILE C 92 12.60 16.59 -17.89
C ILE C 92 13.38 17.14 -16.70
N LEU C 93 12.93 16.79 -15.49
CA LEU C 93 13.68 17.01 -14.26
C LEU C 93 13.84 15.66 -13.58
N ILE C 94 15.08 15.26 -13.32
CA ILE C 94 15.39 14.03 -12.58
C ILE C 94 16.08 14.45 -11.29
N ASN C 95 15.41 14.29 -10.16
CA ASN C 95 16.03 14.59 -8.87
C ASN C 95 16.74 13.34 -8.39
N ASN C 96 18.01 13.19 -8.80
CA ASN C 96 18.78 12.00 -8.49
C ASN C 96 19.73 12.21 -7.34
N ALA C 97 20.31 13.40 -7.22
CA ALA C 97 21.27 13.68 -6.16
C ALA C 97 20.63 13.44 -4.80
N GLY C 98 21.40 12.82 -3.91
CA GLY C 98 20.91 12.51 -2.59
C GLY C 98 22.07 12.32 -1.64
N GLY C 99 21.73 11.84 -0.44
CA GLY C 99 22.72 11.60 0.59
C GLY C 99 22.32 10.40 1.42
N TYR C 100 23.29 9.85 2.15
CA TYR C 100 23.08 8.61 2.87
C TYR C 100 23.86 8.66 4.18
N VAL C 101 23.16 8.36 5.27
CA VAL C 101 23.75 8.22 6.60
C VAL C 101 23.17 6.94 7.20
N ASN C 102 24.03 6.04 7.64
CA ASN C 102 23.59 4.76 8.19
C ASN C 102 24.00 4.71 9.65
N LYS C 103 23.01 4.80 10.54
CA LYS C 103 23.22 4.83 11.98
C LYS C 103 22.00 4.21 12.64
N PRO C 104 22.16 3.60 13.80
CA PRO C 104 20.98 3.29 14.62
C PRO C 104 20.28 4.59 15.00
N ILE C 105 18.98 4.47 15.30
CA ILE C 105 18.19 5.67 15.59
C ILE C 105 18.83 6.51 16.69
N ASP C 106 19.30 5.85 17.76
CA ASP C 106 19.96 6.57 18.86
C ASP C 106 21.11 7.44 18.38
N GLY C 107 21.80 7.04 17.31
CA GLY C 107 23.05 7.68 16.94
C GLY C 107 22.94 8.94 16.09
N PHE C 108 21.77 9.26 15.56
CA PHE C 108 21.68 10.42 14.66
C PHE C 108 21.83 11.72 15.42
N THR C 109 22.62 12.61 14.86
CA THR C 109 22.82 13.96 15.35
C THR C 109 21.91 14.92 14.59
N ALA C 110 21.81 16.15 15.12
CA ALA C 110 21.06 17.19 14.43
C ALA C 110 21.64 17.44 13.03
N GLU C 111 22.97 17.37 12.90
CA GLU C 111 23.62 17.58 11.61
C GLU C 111 23.26 16.47 10.63
N ASP C 112 23.27 15.23 11.11
CA ASP C 112 22.84 14.10 10.28
C ASP C 112 21.44 14.35 9.72
N PHE C 113 20.50 14.74 10.59
CA PHE C 113 19.12 14.92 10.19
C PHE C 113 18.98 16.04 9.16
N SER C 114 19.53 17.22 9.47
CA SER C 114 19.40 18.34 8.55
C SER C 114 20.09 18.04 7.23
N PHE C 115 21.20 17.30 7.28
CA PHE C 115 21.91 16.90 6.07
C PHE C 115 21.01 16.11 5.13
N LEU C 116 20.38 15.05 5.63
CA LEU C 116 19.56 14.20 4.76
C LEU C 116 18.31 14.94 4.28
N VAL C 117 17.63 15.66 5.16
CA VAL C 117 16.44 16.39 4.77
C VAL C 117 16.77 17.41 3.69
N ALA C 118 17.91 18.10 3.81
CA ALA C 118 18.24 19.12 2.82
C ALA C 118 18.53 18.50 1.45
N VAL C 119 19.31 17.41 1.43
CA VAL C 119 19.76 16.85 0.16
C VAL C 119 18.74 15.88 -0.44
N ASN C 120 17.93 15.22 0.39
CA ASN C 120 16.98 14.23 -0.13
C ASN C 120 15.59 14.79 -0.38
N LEU C 121 15.12 15.71 0.48
CA LEU C 121 13.74 16.19 0.40
C LEU C 121 13.65 17.65 -0.02
N GLU C 122 14.28 18.57 0.73
CA GLU C 122 14.17 19.98 0.39
C GLU C 122 14.75 20.26 -1.00
N SER C 123 15.82 19.55 -1.35
CA SER C 123 16.44 19.74 -2.66
C SER C 123 15.45 19.47 -3.79
N ALA C 124 14.87 18.27 -3.82
CA ALA C 124 13.92 17.93 -4.87
C ALA C 124 12.73 18.89 -4.86
N PHE C 125 12.23 19.23 -3.67
CA PHE C 125 11.05 20.09 -3.58
C PHE C 125 11.34 21.46 -4.19
N HIS C 126 12.41 22.12 -3.74
CA HIS C 126 12.63 23.48 -4.24
C HIS C 126 12.98 23.48 -5.73
N LEU C 127 13.74 22.48 -6.19
CA LEU C 127 14.06 22.41 -7.61
C LEU C 127 12.80 22.23 -8.46
N CYS C 128 11.84 21.43 -7.99
CA CYS C 128 10.58 21.36 -8.72
C CYS C 128 9.93 22.74 -8.79
N GLN C 129 9.82 23.41 -7.64
CA GLN C 129 9.31 24.78 -7.60
C GLN C 129 10.04 25.65 -8.62
N LEU C 130 11.37 25.60 -8.59
CA LEU C 130 12.15 26.44 -9.49
C LEU C 130 11.93 26.03 -10.94
N ALA C 131 11.78 24.74 -11.20
CA ALA C 131 11.66 24.27 -12.57
C ALA C 131 10.23 24.33 -13.11
N HIS C 132 9.25 24.54 -12.25
CA HIS C 132 7.85 24.53 -12.68
C HIS C 132 7.58 25.45 -13.87
N PRO C 133 7.96 26.73 -13.85
CA PRO C 133 7.73 27.57 -15.04
C PRO C 133 8.28 26.96 -16.32
N MET C 134 9.50 26.43 -16.28
CA MET C 134 10.11 25.86 -17.47
C MET C 134 9.48 24.55 -17.89
N LEU C 135 9.02 23.76 -16.91
CA LEU C 135 8.32 22.53 -17.25
C LEU C 135 6.98 22.85 -17.90
N LYS C 136 6.23 23.79 -17.31
CA LYS C 136 5.00 24.26 -17.95
C LYS C 136 5.29 24.73 -19.38
N ALA C 137 6.35 25.51 -19.58
CA ALA C 137 6.68 26.00 -20.91
C ALA C 137 6.94 24.88 -21.90
N SER C 138 7.40 23.72 -21.41
CA SER C 138 7.66 22.59 -22.30
C SER C 138 6.38 22.09 -22.96
N GLY C 139 5.26 22.19 -22.25
CA GLY C 139 4.04 21.55 -22.71
C GLY C 139 4.01 20.05 -22.60
N THR C 140 5.08 19.43 -22.07
CA THR C 140 5.22 17.98 -21.95
C THR C 140 6.17 17.62 -20.82
N GLY C 141 5.84 18.00 -19.58
CA GLY C 141 6.81 17.89 -18.50
C GLY C 141 6.83 16.51 -17.87
N SER C 142 8.02 16.09 -17.44
CA SER C 142 8.20 14.85 -16.70
CA SER C 142 8.21 14.84 -16.71
C SER C 142 9.20 15.08 -15.59
N ILE C 143 8.76 14.87 -14.35
CA ILE C 143 9.61 14.90 -13.16
C ILE C 143 9.76 13.46 -12.70
N VAL C 144 10.99 13.00 -12.53
CA VAL C 144 11.27 11.70 -11.93
C VAL C 144 12.11 11.93 -10.71
N HIS C 145 11.63 11.46 -9.55
CA HIS C 145 12.44 11.42 -8.35
C HIS C 145 13.04 10.03 -8.20
N ILE C 146 14.31 9.97 -7.82
CA ILE C 146 14.91 8.72 -7.40
C ILE C 146 14.67 8.61 -5.90
N SER C 147 13.76 7.73 -5.53
CA SER C 147 13.45 7.44 -4.15
C SER C 147 14.31 6.30 -3.63
N SER C 148 13.68 5.32 -3.00
CA SER C 148 14.36 4.10 -2.58
C SER C 148 13.32 3.11 -2.14
N CYS C 149 13.64 1.83 -2.33
CA CYS C 149 12.75 0.75 -1.90
CA CYS C 149 12.68 0.81 -1.92
C CYS C 149 12.54 0.72 -0.40
N CYS C 150 13.55 1.17 0.36
CA CYS C 150 13.42 1.05 1.81
C CYS C 150 12.48 2.09 2.41
N ALA C 151 11.80 2.89 1.58
CA ALA C 151 10.75 3.76 2.09
C ALA C 151 9.46 3.00 2.36
N GLN C 152 9.46 1.67 2.23
CA GLN C 152 8.27 0.88 2.51
C GLN C 152 8.53 -0.26 3.48
N ILE C 153 9.79 -0.46 3.89
CA ILE C 153 10.16 -1.48 4.86
C ILE C 153 11.21 -0.88 5.79
N ALA C 154 11.52 -1.60 6.86
CA ALA C 154 12.51 -1.15 7.84
C ALA C 154 13.82 -1.90 7.63
N ILE C 155 14.86 -1.19 7.22
CA ILE C 155 16.20 -1.76 7.09
C ILE C 155 17.07 -1.14 8.16
N PRO C 156 17.84 -1.93 8.91
CA PRO C 156 18.67 -1.37 9.98
C PRO C 156 19.54 -0.21 9.48
N GLY C 157 19.49 0.91 10.21
CA GLY C 157 20.31 2.07 9.92
C GLY C 157 19.72 3.08 8.94
N HIS C 158 18.58 2.79 8.32
CA HIS C 158 18.06 3.61 7.24
C HIS C 158 17.00 4.62 7.68
N SER C 159 16.71 4.71 8.98
CA SER C 159 15.55 5.44 9.49
C SER C 159 15.38 6.83 8.88
N ILE C 160 16.31 7.76 9.14
CA ILE C 160 16.13 9.10 8.60
C ILE C 160 16.19 9.08 7.07
N TYR C 161 17.12 8.29 6.51
CA TYR C 161 17.24 8.23 5.06
C TYR C 161 15.96 7.71 4.43
N SER C 162 15.40 6.65 4.97
CA SER C 162 14.15 6.12 4.44
C SER C 162 13.01 7.10 4.65
N SER C 163 13.02 7.82 5.77
CA SER C 163 11.95 8.79 6.03
C SER C 163 11.96 9.92 5.01
N THR C 164 13.16 10.45 4.68
CA THR C 164 13.22 11.47 3.64
C THR C 164 12.75 10.91 2.30
N LYS C 165 13.07 9.65 2.01
CA LYS C 165 12.60 9.06 0.76
C LYS C 165 11.09 8.82 0.79
N GLY C 166 10.54 8.46 1.96
CA GLY C 166 9.09 8.31 2.05
C GLY C 166 8.35 9.63 1.90
N ALA C 167 8.96 10.73 2.36
CA ALA C 167 8.42 12.06 2.09
C ALA C 167 8.43 12.35 0.59
N ILE C 168 9.50 11.95 -0.09
CA ILE C 168 9.60 12.14 -1.53
C ILE C 168 8.47 11.41 -2.26
N ASN C 169 8.20 10.16 -1.86
CA ASN C 169 7.12 9.41 -2.49
C ASN C 169 5.79 10.16 -2.39
N GLN C 170 5.47 10.69 -1.20
CA GLN C 170 4.23 11.47 -1.06
C GLN C 170 4.26 12.72 -1.91
N LEU C 171 5.39 13.43 -1.91
CA LEU C 171 5.48 14.62 -2.74
C LEU C 171 5.19 14.31 -4.20
N THR C 172 5.62 13.13 -4.66
CA THR C 172 5.29 12.68 -6.01
C THR C 172 3.78 12.72 -6.24
N ARG C 173 2.99 12.23 -5.28
CA ARG C 173 1.55 12.24 -5.43
C ARG C 173 1.02 13.67 -5.58
N ASN C 174 1.45 14.57 -4.70
CA ASN C 174 0.96 15.95 -4.74
C ASN C 174 1.35 16.66 -6.02
N LEU C 175 2.61 16.47 -6.45
CA LEU C 175 3.05 17.06 -7.72
C LEU C 175 2.21 16.53 -8.87
N ALA C 176 1.95 15.23 -8.88
CA ALA C 176 1.22 14.59 -9.98
C ALA C 176 -0.14 15.23 -10.16
N CYS C 177 -0.83 15.51 -9.06
CA CYS C 177 -2.20 15.97 -9.16
C CYS C 177 -2.25 17.48 -9.33
N GLU C 178 -1.37 18.21 -8.62
CA GLU C 178 -1.40 19.66 -8.67
C GLU C 178 -0.98 20.20 -10.03
N TRP C 179 0.01 19.58 -10.66
CA TRP C 179 0.56 20.09 -11.92
C TRP C 179 0.05 19.33 -13.14
N ALA C 180 -0.92 18.42 -12.97
CA ALA C 180 -1.50 17.74 -14.12
C ALA C 180 -2.10 18.71 -15.12
N LYS C 181 -2.77 19.76 -14.63
CA LYS C 181 -3.34 20.78 -15.50
C LYS C 181 -2.28 21.51 -16.33
N ASP C 182 -1.02 21.50 -15.89
CA ASP C 182 0.06 22.03 -16.73
C ASP C 182 0.71 20.96 -17.59
N ASN C 183 0.07 19.79 -17.71
CA ASN C 183 0.57 18.69 -18.55
C ASN C 183 1.92 18.17 -18.06
N ILE C 184 2.19 18.29 -16.77
CA ILE C 184 3.39 17.75 -16.15
C ILE C 184 3.04 16.47 -15.42
N ARG C 185 3.79 15.41 -15.69
CA ARG C 185 3.68 14.15 -14.95
C ARG C 185 4.85 14.03 -13.98
N THR C 186 4.58 13.40 -12.84
CA THR C 186 5.60 13.19 -11.82
C THR C 186 5.52 11.74 -11.35
N ASN C 187 6.66 11.06 -11.35
CA ASN C 187 6.72 9.68 -10.88
C ASN C 187 8.01 9.52 -10.08
N SER C 188 8.06 8.47 -9.27
CA SER C 188 9.22 8.21 -8.45
C SER C 188 9.69 6.78 -8.69
N ILE C 189 11.01 6.61 -8.86
CA ILE C 189 11.61 5.29 -8.99
C ILE C 189 12.28 4.97 -7.66
N ALA C 190 11.96 3.81 -7.10
CA ALA C 190 12.43 3.36 -5.78
C ALA C 190 13.39 2.18 -5.97
N PRO C 191 14.69 2.43 -6.07
CA PRO C 191 15.61 1.32 -6.33
C PRO C 191 15.85 0.47 -5.09
N GLY C 192 16.16 -0.80 -5.32
CA GLY C 192 16.79 -1.63 -4.33
C GLY C 192 18.28 -1.33 -4.32
N ALA C 193 19.07 -2.23 -3.74
CA ALA C 193 20.51 -2.00 -3.71
C ALA C 193 21.05 -2.04 -5.13
N ILE C 194 21.75 -0.97 -5.54
CA ILE C 194 22.32 -0.85 -6.87
C ILE C 194 23.83 -0.67 -6.71
N ARG C 195 24.59 -1.31 -7.56
CA ARG C 195 26.05 -1.12 -7.46
C ARG C 195 26.40 0.24 -8.04
N THR C 196 26.74 1.17 -7.17
CA THR C 196 27.19 2.50 -7.54
C THR C 196 28.46 2.82 -6.78
N PRO C 197 29.19 3.86 -7.17
CA PRO C 197 30.26 4.34 -6.29
C PRO C 197 29.74 4.69 -4.90
N GLY C 198 28.48 5.12 -4.78
CA GLY C 198 27.90 5.34 -3.46
C GLY C 198 27.83 4.09 -2.62
N THR C 199 27.46 2.96 -3.22
CA THR C 199 27.37 1.71 -2.46
C THR C 199 28.68 0.95 -2.37
N GLU C 200 29.64 1.21 -3.26
CA GLU C 200 30.97 0.64 -3.06
C GLU C 200 31.52 1.07 -1.70
N SER C 201 31.40 2.36 -1.39
CA SER C 201 31.64 2.90 -0.05
C SER C 201 30.92 2.08 1.02
N ASP C 210 26.02 -10.26 1.58
CA ASP C 210 25.25 -11.49 1.53
C ASP C 210 23.88 -11.36 2.20
N ARG C 211 23.81 -10.56 3.27
CA ARG C 211 22.53 -10.43 3.99
C ARG C 211 21.49 -9.75 3.13
N GLU C 212 21.84 -8.63 2.48
CA GLU C 212 20.87 -7.93 1.65
C GLU C 212 20.50 -8.76 0.43
N VAL C 213 21.49 -9.38 -0.22
CA VAL C 213 21.24 -10.17 -1.42
C VAL C 213 20.46 -11.44 -1.09
N SER C 214 20.67 -12.00 0.10
CA SER C 214 19.86 -13.16 0.50
C SER C 214 18.39 -12.81 0.52
N ARG C 215 18.05 -11.53 0.65
CA ARG C 215 16.67 -11.08 0.72
C ARG C 215 16.10 -10.72 -0.65
N VAL C 216 16.94 -10.62 -1.69
CA VAL C 216 16.54 -10.33 -3.02
C VAL C 216 16.18 -11.70 -3.73
N PRO C 217 14.97 -11.88 -4.19
CA PRO C 217 14.67 -13.15 -4.90
C PRO C 217 15.61 -13.43 -6.06
N PHE C 218 16.05 -12.40 -6.79
CA PHE C 218 16.98 -12.61 -7.90
C PHE C 218 18.40 -12.90 -7.42
N GLY C 219 18.68 -12.74 -6.12
CA GLY C 219 19.98 -13.14 -5.60
C GLY C 219 21.13 -12.28 -6.05
N ARG C 220 20.89 -11.00 -6.33
CA ARG C 220 21.95 -10.14 -6.84
C ARG C 220 21.57 -8.69 -6.57
N ILE C 221 22.56 -7.81 -6.59
CA ILE C 221 22.26 -6.38 -6.51
C ILE C 221 21.98 -5.85 -7.91
N GLY C 222 21.38 -4.63 -7.96
CA GLY C 222 21.02 -3.98 -9.20
C GLY C 222 22.22 -3.38 -9.95
N GLU C 223 22.01 -3.10 -11.25
CA GLU C 223 22.96 -2.33 -12.06
C GLU C 223 22.37 -0.96 -12.37
N PRO C 224 23.21 0.08 -12.54
CA PRO C 224 22.65 1.42 -12.76
C PRO C 224 21.72 1.52 -13.95
N GLU C 225 21.99 0.79 -15.03
CA GLU C 225 21.13 0.90 -16.21
C GLU C 225 19.75 0.29 -15.98
N GLU C 226 19.62 -0.62 -15.02
CA GLU C 226 18.31 -1.18 -14.72
C GLU C 226 17.39 -0.17 -14.06
N VAL C 227 17.95 0.91 -13.52
CA VAL C 227 17.18 2.03 -13.01
C VAL C 227 17.01 3.11 -14.06
N ALA C 228 18.11 3.43 -14.77
CA ALA C 228 18.07 4.51 -15.75
C ALA C 228 17.09 4.21 -16.88
N SER C 229 16.98 2.94 -17.27
CA SER C 229 16.10 2.58 -18.37
C SER C 229 14.65 2.96 -18.05
N LEU C 230 14.20 2.71 -16.82
CA LEU C 230 12.84 3.09 -16.45
C LEU C 230 12.72 4.61 -16.32
N ALA C 231 13.80 5.29 -15.90
CA ALA C 231 13.78 6.75 -15.88
C ALA C 231 13.50 7.30 -17.27
N ALA C 232 14.17 6.75 -18.29
CA ALA C 232 13.91 7.17 -19.65
C ALA C 232 12.47 6.87 -20.05
N PHE C 233 12.00 5.65 -19.76
CA PHE C 233 10.65 5.27 -20.17
C PHE C 233 9.62 6.23 -19.61
N LEU C 234 9.75 6.60 -18.35
CA LEU C 234 8.74 7.45 -17.71
C LEU C 234 8.71 8.83 -18.33
N CYS C 235 9.77 9.22 -19.07
CA CYS C 235 9.82 10.53 -19.70
C CYS C 235 9.26 10.55 -21.12
N MET C 236 9.10 9.38 -21.73
CA MET C 236 8.66 9.30 -23.11
C MET C 236 7.15 9.46 -23.28
N PRO C 237 6.74 9.89 -24.48
CA PRO C 237 5.30 9.89 -24.82
C PRO C 237 4.60 8.59 -24.48
N SER C 238 5.29 7.45 -24.56
CA SER C 238 4.62 6.19 -24.30
CA SER C 238 4.68 6.15 -24.28
C SER C 238 4.16 6.08 -22.84
N ALA C 239 4.70 6.88 -21.94
CA ALA C 239 4.31 6.88 -20.53
C ALA C 239 3.30 7.99 -20.21
N SER C 240 2.57 8.47 -21.21
CA SER C 240 1.78 9.69 -21.04
C SER C 240 0.60 9.52 -20.09
N TYR C 241 0.22 8.29 -19.72
CA TYR C 241 -0.88 8.09 -18.78
C TYR C 241 -0.38 7.57 -17.44
N ILE C 242 0.92 7.65 -17.17
CA ILE C 242 1.53 7.16 -15.93
C ILE C 242 2.01 8.37 -15.14
N THR C 243 1.36 8.62 -14.00
CA THR C 243 1.76 9.77 -13.19
C THR C 243 1.37 9.49 -11.76
N GLY C 244 2.17 10.02 -10.84
CA GLY C 244 1.94 9.85 -9.41
C GLY C 244 2.29 8.49 -8.86
N GLN C 245 3.03 7.68 -9.61
CA GLN C 245 3.37 6.31 -9.22
C GLN C 245 4.73 6.26 -8.54
N VAL C 246 4.90 5.25 -7.68
CA VAL C 246 6.20 4.92 -7.09
C VAL C 246 6.50 3.48 -7.51
N ILE C 247 7.54 3.30 -8.33
CA ILE C 247 7.81 2.00 -8.92
C ILE C 247 9.11 1.46 -8.33
N CYS C 248 9.05 0.26 -7.75
CA CYS C 248 10.25 -0.34 -7.18
C CYS C 248 11.04 -1.07 -8.26
N VAL C 249 12.36 -0.82 -8.29
CA VAL C 249 13.28 -1.54 -9.14
C VAL C 249 14.26 -2.25 -8.21
N ASP C 250 13.85 -3.42 -7.70
CA ASP C 250 14.59 -4.05 -6.62
C ASP C 250 14.68 -5.57 -6.73
N GLY C 251 14.42 -6.15 -7.89
CA GLY C 251 14.45 -7.59 -8.01
C GLY C 251 13.51 -8.32 -7.08
N GLY C 252 12.40 -7.69 -6.68
CA GLY C 252 11.46 -8.31 -5.77
C GLY C 252 11.81 -8.18 -4.31
N ARG C 253 12.82 -7.37 -4.00
CA ARG C 253 13.35 -7.31 -2.64
C ARG C 253 12.27 -6.97 -1.60
N THR C 254 11.43 -5.96 -1.87
CA THR C 254 10.50 -5.50 -0.82
C THR C 254 9.40 -6.51 -0.54
N ILE C 255 8.94 -7.23 -1.57
CA ILE C 255 7.83 -8.17 -1.41
C ILE C 255 8.30 -9.56 -1.01
N ASN C 256 9.59 -9.74 -0.80
CA ASN C 256 10.32 -10.91 -0.27
C ASN C 256 11.22 -11.56 -1.31
N LEU D 3 22.20 -0.07 -25.77
CA LEU D 3 20.86 0.50 -25.68
C LEU D 3 19.91 -0.28 -26.59
N GLU D 4 20.38 -0.56 -27.81
CA GLU D 4 19.53 -1.23 -28.79
C GLU D 4 19.19 -2.66 -28.38
N LYS D 5 20.12 -3.37 -27.73
CA LYS D 5 19.83 -4.74 -27.29
C LYS D 5 18.85 -4.76 -26.13
N ARG D 6 18.95 -3.79 -25.22
CA ARG D 6 18.14 -3.87 -24.01
C ARG D 6 16.73 -3.34 -24.22
N TRP D 7 16.48 -2.59 -25.29
CA TRP D 7 15.15 -2.09 -25.63
C TRP D 7 14.60 -2.78 -26.88
N SER D 8 14.76 -4.09 -26.96
CA SER D 8 14.27 -4.85 -28.11
C SER D 8 13.63 -6.12 -27.60
N LEU D 9 12.64 -6.60 -28.36
CA LEU D 9 12.04 -7.91 -28.12
C LEU D 9 12.28 -8.85 -29.29
N GLU D 10 13.29 -8.55 -30.11
CA GLU D 10 13.58 -9.37 -31.27
C GLU D 10 13.89 -10.80 -30.87
N GLY D 11 13.30 -11.75 -31.57
CA GLY D 11 13.50 -13.15 -31.31
C GLY D 11 12.67 -13.72 -30.18
N THR D 12 11.90 -12.88 -29.49
CA THR D 12 11.13 -13.41 -28.37
C THR D 12 9.81 -14.01 -28.86
N THR D 13 9.20 -14.81 -27.99
CA THR D 13 7.91 -15.42 -28.26
C THR D 13 6.94 -15.00 -27.15
N ALA D 14 5.68 -14.77 -27.53
CA ALA D 14 4.71 -14.24 -26.58
C ALA D 14 3.33 -14.84 -26.80
N LEU D 15 2.59 -15.00 -25.69
CA LEU D 15 1.18 -15.33 -25.74
C LEU D 15 0.40 -14.19 -25.08
N VAL D 16 -0.60 -13.66 -25.79
CA VAL D 16 -1.45 -12.58 -25.27
C VAL D 16 -2.90 -13.06 -25.33
N THR D 17 -3.54 -13.20 -24.17
CA THR D 17 -4.93 -13.62 -24.16
C THR D 17 -5.84 -12.43 -24.46
N GLY D 18 -6.91 -12.69 -25.23
CA GLY D 18 -7.88 -11.67 -25.58
C GLY D 18 -7.34 -10.54 -26.43
N GLY D 19 -6.67 -10.88 -27.52
CA GLY D 19 -5.99 -9.91 -28.34
C GLY D 19 -6.71 -9.28 -29.52
N THR D 20 -7.96 -9.61 -29.74
CA THR D 20 -8.74 -9.01 -30.81
C THR D 20 -9.19 -7.56 -30.73
N LYS D 21 -9.24 -6.99 -29.55
CA LYS D 21 -9.74 -5.66 -29.39
C LYS D 21 -9.03 -4.95 -28.28
N GLY D 22 -9.14 -3.64 -28.27
CA GLY D 22 -8.72 -2.85 -27.15
C GLY D 22 -7.30 -3.05 -26.69
N ILE D 23 -7.14 -3.09 -25.38
CA ILE D 23 -5.81 -3.23 -24.79
C ILE D 23 -5.10 -4.46 -25.35
N GLY D 24 -5.79 -5.60 -25.36
CA GLY D 24 -5.17 -6.81 -25.87
C GLY D 24 -4.63 -6.64 -27.29
N HIS D 25 -5.41 -5.97 -28.15
CA HIS D 25 -4.99 -5.75 -29.52
C HIS D 25 -3.79 -4.81 -29.58
N ALA D 26 -3.81 -3.74 -28.77
CA ALA D 26 -2.65 -2.85 -28.76
C ALA D 26 -1.41 -3.56 -28.25
N ILE D 27 -1.57 -4.45 -27.26
CA ILE D 27 -0.42 -5.18 -26.74
C ILE D 27 0.21 -6.05 -27.82
N VAL D 28 -0.63 -6.78 -28.58
CA VAL D 28 -0.11 -7.64 -29.64
C VAL D 28 0.70 -6.84 -30.63
N GLU D 29 0.17 -5.68 -31.05
CA GLU D 29 0.87 -4.91 -32.05
C GLU D 29 2.10 -4.20 -31.47
N GLU D 30 2.07 -3.82 -30.20
CA GLU D 30 3.27 -3.26 -29.57
C GLU D 30 4.38 -4.30 -29.49
N LEU D 31 4.04 -5.53 -29.07
CA LEU D 31 5.02 -6.60 -29.03
C LEU D 31 5.59 -6.89 -30.40
N VAL D 32 4.73 -7.00 -31.42
CA VAL D 32 5.23 -7.29 -32.75
C VAL D 32 6.10 -6.12 -33.23
N GLY D 33 5.71 -4.90 -32.85
CA GLY D 33 6.49 -3.73 -33.23
C GLY D 33 7.93 -3.81 -32.76
N PHE D 34 8.16 -4.45 -31.61
CA PHE D 34 9.50 -4.62 -31.10
C PHE D 34 10.10 -5.98 -31.46
N GLY D 35 9.47 -6.73 -32.36
CA GLY D 35 10.08 -7.88 -32.97
C GLY D 35 9.66 -9.24 -32.43
N ALA D 36 8.68 -9.31 -31.54
CA ALA D 36 8.26 -10.58 -31.01
C ALA D 36 7.39 -11.34 -32.00
N ARG D 37 7.39 -12.66 -31.89
CA ARG D 37 6.36 -13.48 -32.48
C ARG D 37 5.28 -13.65 -31.44
N VAL D 38 4.03 -13.44 -31.82
CA VAL D 38 2.93 -13.38 -30.87
C VAL D 38 1.89 -14.41 -31.22
N TYR D 39 1.37 -15.09 -30.20
CA TYR D 39 0.21 -15.95 -30.27
C TYR D 39 -0.89 -15.28 -29.45
N THR D 40 -2.13 -15.28 -29.97
CA THR D 40 -3.25 -14.65 -29.26
C THR D 40 -4.49 -15.53 -29.36
N CYS D 41 -5.52 -15.19 -28.59
CA CYS D 41 -6.75 -15.96 -28.61
C CYS D 41 -7.95 -15.04 -28.40
N SER D 42 -9.13 -15.62 -28.56
CA SER D 42 -10.37 -14.92 -28.27
C SER D 42 -11.47 -15.96 -28.23
N ARG D 43 -12.58 -15.62 -27.58
CA ARG D 43 -13.73 -16.53 -27.61
C ARG D 43 -14.52 -16.42 -28.91
N ASN D 44 -14.48 -15.27 -29.60
CA ASN D 44 -15.25 -15.10 -30.83
C ASN D 44 -14.37 -15.46 -32.03
N GLU D 45 -14.69 -16.57 -32.65
CA GLU D 45 -13.94 -17.05 -33.79
C GLU D 45 -14.00 -16.11 -34.97
N ALA D 46 -15.19 -15.63 -35.25
CA ALA D 46 -15.36 -14.81 -36.42
C ALA D 46 -14.49 -13.60 -36.29
N GLU D 47 -14.49 -13.00 -35.12
CA GLU D 47 -13.67 -11.85 -34.85
C GLU D 47 -12.21 -12.20 -34.94
N LEU D 48 -11.88 -13.36 -34.41
CA LEU D 48 -10.49 -13.75 -34.36
C LEU D 48 -9.92 -13.92 -35.79
N ARG D 49 -10.69 -14.57 -36.65
CA ARG D 49 -10.23 -14.82 -38.01
C ARG D 49 -9.95 -13.53 -38.70
N LYS D 50 -10.84 -12.55 -38.57
CA LYS D 50 -10.65 -11.32 -39.27
C LYS D 50 -9.41 -10.73 -38.81
N CYS D 51 -9.16 -10.80 -37.51
CA CYS D 51 -7.96 -10.19 -36.97
C CYS D 51 -6.73 -10.86 -37.52
N LEU D 52 -6.80 -12.17 -37.62
CA LEU D 52 -5.68 -12.96 -38.07
C LEU D 52 -5.36 -12.68 -39.55
N GLN D 53 -6.40 -12.64 -40.36
CA GLN D 53 -6.24 -12.37 -41.77
C GLN D 53 -5.64 -11.01 -41.98
N GLU D 54 -6.10 -10.03 -41.23
CA GLU D 54 -5.52 -8.73 -41.38
C GLU D 54 -4.04 -8.76 -41.04
N TRP D 55 -3.62 -9.33 -39.92
CA TRP D 55 -2.28 -9.12 -39.38
C TRP D 55 -1.19 -9.59 -40.26
N GLU D 56 -1.52 -10.63 -40.94
CA GLU D 56 -0.68 -11.07 -42.05
C GLU D 56 -0.39 -9.92 -43.00
N ASN D 57 -1.42 -9.37 -43.63
CA ASN D 57 -1.20 -8.45 -44.74
C ASN D 57 -0.30 -7.26 -44.39
N LEU D 58 -0.22 -6.87 -43.12
CA LEU D 58 0.84 -5.96 -42.69
C LEU D 58 2.09 -6.74 -42.23
N LYS D 59 2.26 -7.98 -42.73
CA LYS D 59 3.32 -8.97 -42.40
C LYS D 59 3.72 -8.95 -40.92
N TYR D 60 2.74 -8.86 -40.02
CA TYR D 60 2.99 -9.10 -38.60
C TYR D 60 3.00 -10.59 -38.31
N ASP D 61 3.93 -11.02 -37.44
CA ASP D 61 4.06 -12.43 -37.08
C ASP D 61 3.12 -12.75 -35.92
N VAL D 62 1.86 -13.08 -36.23
CA VAL D 62 0.84 -13.36 -35.22
C VAL D 62 0.08 -14.61 -35.63
N THR D 63 -0.11 -15.52 -34.67
CA THR D 63 -0.95 -16.70 -34.79
C THR D 63 -2.01 -16.65 -33.70
N GLY D 64 -3.06 -17.46 -33.85
CA GLY D 64 -4.11 -17.46 -32.84
C GLY D 64 -5.05 -18.64 -32.97
N SER D 65 -5.82 -18.85 -31.90
CA SER D 65 -6.84 -19.88 -31.87
C SER D 65 -7.96 -19.41 -30.94
N VAL D 66 -9.09 -20.09 -31.05
CA VAL D 66 -10.25 -19.74 -30.24
C VAL D 66 -10.12 -20.39 -28.87
N CYS D 67 -10.29 -19.59 -27.82
CA CYS D 67 -10.22 -20.11 -26.46
C CYS D 67 -11.07 -19.25 -25.56
N ASP D 68 -11.95 -19.89 -24.79
CA ASP D 68 -12.66 -19.24 -23.69
C ASP D 68 -11.83 -19.53 -22.45
N VAL D 69 -11.20 -18.51 -21.88
CA VAL D 69 -10.23 -18.72 -20.81
C VAL D 69 -10.90 -19.06 -19.49
N SER D 70 -12.22 -18.96 -19.41
CA SER D 70 -12.93 -19.41 -18.22
C SER D 70 -13.06 -20.93 -18.14
N SER D 71 -12.72 -21.65 -19.22
CA SER D 71 -12.80 -23.10 -19.27
C SER D 71 -11.42 -23.73 -19.04
N ARG D 72 -11.34 -24.63 -18.07
CA ARG D 72 -10.08 -25.31 -17.75
C ARG D 72 -9.57 -26.13 -18.94
N THR D 73 -10.46 -26.88 -19.59
CA THR D 73 -9.99 -27.71 -20.71
C THR D 73 -9.57 -26.86 -21.90
N GLU D 74 -10.21 -25.71 -22.11
CA GLU D 74 -9.78 -24.85 -23.22
C GLU D 74 -8.45 -24.17 -22.93
N ARG D 75 -8.18 -23.88 -21.66
CA ARG D 75 -6.89 -23.31 -21.28
C ARG D 75 -5.78 -24.34 -21.51
N GLU D 76 -6.04 -25.62 -21.20
CA GLU D 76 -5.07 -26.67 -21.45
C GLU D 76 -4.76 -26.81 -22.93
N LYS D 77 -5.81 -26.83 -23.76
CA LYS D 77 -5.59 -26.98 -25.20
C LYS D 77 -4.85 -25.77 -25.76
N LEU D 78 -5.18 -24.57 -25.27
CA LEU D 78 -4.45 -23.38 -25.69
C LEU D 78 -2.96 -23.52 -25.38
N ALA D 79 -2.63 -23.95 -24.15
CA ALA D 79 -1.23 -24.08 -23.77
C ALA D 79 -0.50 -25.09 -24.65
N GLU D 80 -1.18 -26.18 -25.03
CA GLU D 80 -0.51 -27.19 -25.83
C GLU D 80 -0.25 -26.69 -27.25
N GLU D 81 -1.20 -25.95 -27.83
CA GLU D 81 -0.97 -25.42 -29.16
C GLU D 81 0.11 -24.34 -29.16
N VAL D 82 0.16 -23.53 -28.10
CA VAL D 82 1.21 -22.52 -27.98
C VAL D 82 2.58 -23.20 -27.88
N SER D 83 2.67 -24.22 -27.03
CA SER D 83 3.91 -25.00 -26.93
C SER D 83 4.30 -25.59 -28.29
N SER D 84 3.32 -26.13 -29.02
CA SER D 84 3.61 -26.71 -30.33
CA SER D 84 3.62 -26.72 -30.32
C SER D 84 4.08 -25.65 -31.31
N VAL D 85 3.44 -24.49 -31.31
CA VAL D 85 3.78 -23.42 -32.24
C VAL D 85 5.18 -22.86 -31.96
N PHE D 86 5.50 -22.64 -30.69
CA PHE D 86 6.75 -22.02 -30.30
C PHE D 86 7.82 -23.05 -29.93
N ASN D 87 7.58 -24.32 -30.24
CA ASN D 87 8.52 -25.41 -29.95
C ASN D 87 8.94 -25.42 -28.48
N GLY D 88 7.95 -25.24 -27.61
CA GLY D 88 8.15 -25.38 -26.17
C GLY D 88 8.85 -24.23 -25.48
N LYS D 89 9.04 -23.09 -26.16
CA LYS D 89 9.77 -21.96 -25.59
C LYS D 89 8.92 -20.69 -25.67
N LEU D 90 8.54 -20.16 -24.50
CA LEU D 90 7.73 -18.94 -24.42
C LEU D 90 8.50 -17.91 -23.59
N ASN D 91 8.76 -16.74 -24.17
CA ASN D 91 9.36 -15.69 -23.37
C ASN D 91 8.33 -14.87 -22.59
N ILE D 92 7.13 -14.71 -23.10
CA ILE D 92 6.22 -13.69 -22.59
C ILE D 92 4.82 -14.27 -22.46
N LEU D 93 4.22 -14.06 -21.29
CA LEU D 93 2.80 -14.36 -21.08
C LEU D 93 2.11 -13.09 -20.61
N ILE D 94 1.16 -12.59 -21.41
CA ILE D 94 0.33 -11.44 -21.04
C ILE D 94 -1.08 -11.96 -20.76
N ASN D 95 -1.49 -11.94 -19.49
CA ASN D 95 -2.84 -12.35 -19.09
C ASN D 95 -3.73 -11.12 -19.17
N ASN D 96 -4.33 -10.90 -20.33
CA ASN D 96 -5.18 -9.72 -20.56
C ASN D 96 -6.66 -10.04 -20.57
N ALA D 97 -7.04 -11.26 -20.93
CA ALA D 97 -8.45 -11.62 -20.97
C ALA D 97 -9.06 -11.54 -19.57
N GLY D 98 -10.28 -11.03 -19.48
CA GLY D 98 -10.96 -10.92 -18.20
C GLY D 98 -12.44 -10.79 -18.44
N GLY D 99 -13.16 -10.39 -17.40
CA GLY D 99 -14.59 -10.17 -17.53
C GLY D 99 -15.09 -9.18 -16.51
N TYR D 100 -16.12 -8.42 -16.87
CA TYR D 100 -16.59 -7.32 -16.02
C TYR D 100 -18.10 -7.38 -15.84
N VAL D 101 -18.52 -7.34 -14.56
CA VAL D 101 -19.91 -7.19 -14.18
C VAL D 101 -19.96 -6.13 -13.09
N ASN D 102 -20.92 -5.20 -13.21
CA ASN D 102 -21.08 -4.10 -12.26
C ASN D 102 -22.46 -4.17 -11.62
N LYS D 103 -22.52 -4.35 -10.29
CA LYS D 103 -23.79 -4.50 -9.57
C LYS D 103 -23.53 -4.01 -8.15
N PRO D 104 -24.55 -3.52 -7.45
CA PRO D 104 -24.39 -3.32 -6.01
C PRO D 104 -24.04 -4.66 -5.35
N ILE D 105 -23.35 -4.61 -4.21
CA ILE D 105 -22.94 -5.84 -3.52
C ILE D 105 -24.13 -6.79 -3.35
N ASP D 106 -25.30 -6.27 -2.95
CA ASP D 106 -26.47 -7.13 -2.74
C ASP D 106 -26.95 -7.83 -4.01
N GLY D 107 -26.56 -7.35 -5.19
CA GLY D 107 -27.13 -7.89 -6.42
C GLY D 107 -26.41 -9.09 -6.99
N PHE D 108 -25.18 -9.36 -6.54
CA PHE D 108 -24.39 -10.44 -7.15
C PHE D 108 -24.95 -11.81 -6.78
N THR D 109 -25.07 -12.69 -7.78
CA THR D 109 -25.52 -14.06 -7.58
C THR D 109 -24.33 -15.01 -7.50
N ALA D 110 -24.63 -16.29 -7.24
CA ALA D 110 -23.56 -17.28 -7.24
C ALA D 110 -22.93 -17.39 -8.62
N GLU D 111 -23.75 -17.29 -9.67
CA GLU D 111 -23.21 -17.39 -11.02
C GLU D 111 -22.29 -16.21 -11.33
N ASP D 112 -22.69 -15.00 -10.92
CA ASP D 112 -21.81 -13.84 -11.08
C ASP D 112 -20.47 -14.07 -10.40
N PHE D 113 -20.50 -14.50 -9.14
CA PHE D 113 -19.25 -14.70 -8.39
C PHE D 113 -18.37 -15.72 -9.10
N SER D 114 -18.95 -16.85 -9.48
CA SER D 114 -18.23 -17.91 -10.17
C SER D 114 -17.62 -17.43 -11.47
N PHE D 115 -18.42 -16.73 -12.29
CA PHE D 115 -17.92 -16.20 -13.57
C PHE D 115 -16.73 -15.28 -13.33
N LEU D 116 -16.90 -14.30 -12.45
CA LEU D 116 -15.84 -13.31 -12.29
C LEU D 116 -14.56 -13.94 -11.77
N VAL D 117 -14.66 -14.83 -10.78
CA VAL D 117 -13.47 -15.45 -10.24
C VAL D 117 -12.79 -16.32 -11.30
N ALA D 118 -13.57 -17.08 -12.08
CA ALA D 118 -12.97 -17.96 -13.08
C ALA D 118 -12.27 -17.17 -14.18
N VAL D 119 -12.93 -16.14 -14.70
CA VAL D 119 -12.40 -15.44 -15.87
CA VAL D 119 -12.41 -15.44 -15.87
C VAL D 119 -11.28 -14.48 -15.48
N ASN D 120 -11.30 -13.96 -14.26
CA ASN D 120 -10.31 -12.97 -13.88
C ASN D 120 -9.16 -13.53 -13.07
N LEU D 121 -9.42 -14.48 -12.17
CA LEU D 121 -8.39 -15.00 -11.28
C LEU D 121 -7.95 -16.40 -11.68
N GLU D 122 -8.88 -17.34 -11.85
CA GLU D 122 -8.45 -18.73 -12.08
C GLU D 122 -7.79 -18.86 -13.44
N SER D 123 -8.30 -18.14 -14.43
CA SER D 123 -7.74 -18.21 -15.78
C SER D 123 -6.27 -17.81 -15.76
N ALA D 124 -5.96 -16.71 -15.06
CA ALA D 124 -4.58 -16.23 -15.00
C ALA D 124 -3.71 -17.18 -14.20
N PHE D 125 -4.22 -17.68 -13.08
CA PHE D 125 -3.44 -18.62 -12.27
C PHE D 125 -3.12 -19.89 -13.06
N HIS D 126 -4.14 -20.48 -13.70
CA HIS D 126 -3.96 -21.78 -14.35
C HIS D 126 -3.08 -21.63 -15.59
N LEU D 127 -3.22 -20.50 -16.31
CA LEU D 127 -2.37 -20.27 -17.47
C LEU D 127 -0.92 -20.07 -17.06
N CYS D 128 -0.69 -19.40 -15.92
CA CYS D 128 0.67 -19.33 -15.38
C CYS D 128 1.24 -20.72 -15.11
N GLN D 129 0.47 -21.58 -14.45
CA GLN D 129 0.97 -22.94 -14.23
C GLN D 129 1.27 -23.64 -15.54
N LEU D 130 0.35 -23.54 -16.51
CA LEU D 130 0.56 -24.26 -17.76
C LEU D 130 1.75 -23.71 -18.52
N ALA D 131 1.99 -22.41 -18.43
CA ALA D 131 3.06 -21.78 -19.18
C ALA D 131 4.41 -21.92 -18.50
N HIS D 132 4.43 -22.29 -17.22
CA HIS D 132 5.69 -22.35 -16.49
C HIS D 132 6.76 -23.16 -17.20
N PRO D 133 6.52 -24.39 -17.69
CA PRO D 133 7.61 -25.12 -18.38
C PRO D 133 8.15 -24.37 -19.59
N MET D 134 7.27 -23.74 -20.38
CA MET D 134 7.71 -23.01 -21.55
CA MET D 134 7.71 -23.01 -21.55
C MET D 134 8.52 -21.78 -21.17
N LEU D 135 8.02 -21.02 -20.19
CA LEU D 135 8.73 -19.84 -19.70
C LEU D 135 10.10 -20.21 -19.18
N LYS D 136 10.19 -21.31 -18.43
CA LYS D 136 11.48 -21.72 -17.90
C LYS D 136 12.40 -22.19 -19.01
N ALA D 137 11.88 -22.94 -19.98
CA ALA D 137 12.73 -23.41 -21.08
C ALA D 137 13.27 -22.26 -21.90
N SER D 138 12.58 -21.11 -21.90
CA SER D 138 13.03 -19.94 -22.62
C SER D 138 14.28 -19.32 -22.03
N GLY D 139 14.57 -19.57 -20.75
CA GLY D 139 15.69 -18.96 -20.08
C GLY D 139 15.49 -17.52 -19.64
N THR D 140 14.44 -16.83 -20.13
CA THR D 140 14.17 -15.46 -19.72
C THR D 140 12.68 -15.23 -19.89
N GLY D 141 11.93 -15.27 -18.78
CA GLY D 141 10.49 -15.22 -18.82
C GLY D 141 9.95 -13.91 -18.28
N SER D 142 8.82 -13.48 -18.84
CA SER D 142 8.13 -12.28 -18.38
C SER D 142 6.64 -12.55 -18.38
N ILE D 143 6.03 -12.43 -17.21
CA ILE D 143 4.58 -12.52 -17.08
C ILE D 143 4.06 -11.14 -16.73
N VAL D 144 3.04 -10.68 -17.44
CA VAL D 144 2.39 -9.43 -17.13
C VAL D 144 0.91 -9.73 -17.00
N HIS D 145 0.34 -9.46 -15.82
CA HIS D 145 -1.09 -9.49 -15.67
C HIS D 145 -1.66 -8.10 -15.92
N ILE D 146 -2.77 -8.04 -16.65
CA ILE D 146 -3.51 -6.79 -16.81
C ILE D 146 -4.55 -6.80 -15.70
N SER D 147 -4.27 -6.08 -14.61
CA SER D 147 -5.15 -6.00 -13.44
C SER D 147 -6.08 -4.80 -13.56
N SER D 148 -6.27 -4.01 -12.49
CA SER D 148 -7.06 -2.79 -12.65
C SER D 148 -6.78 -1.91 -11.43
N CYS D 149 -6.73 -0.60 -11.65
CA CYS D 149 -6.43 0.31 -10.55
C CYS D 149 -7.54 0.34 -9.49
N CYS D 150 -8.73 -0.17 -9.82
CA CYS D 150 -9.81 -0.24 -8.84
C CYS D 150 -9.56 -1.26 -7.73
N ALA D 151 -8.45 -2.01 -7.77
CA ALA D 151 -8.07 -2.92 -6.70
C ALA D 151 -7.37 -2.21 -5.54
N GLN D 152 -7.38 -0.89 -5.51
CA GLN D 152 -6.87 -0.13 -4.38
C GLN D 152 -7.88 0.87 -3.84
N ILE D 153 -8.99 1.10 -4.53
CA ILE D 153 -10.03 2.05 -4.12
C ILE D 153 -11.37 1.37 -4.29
N ALA D 154 -12.43 2.02 -3.82
CA ALA D 154 -13.78 1.49 -3.94
C ALA D 154 -14.56 2.31 -4.96
N ILE D 155 -14.90 1.70 -6.08
CA ILE D 155 -15.75 2.31 -7.11
C ILE D 155 -17.11 1.63 -7.05
N PRO D 156 -18.21 2.39 -7.06
CA PRO D 156 -19.53 1.75 -6.97
C PRO D 156 -19.70 0.65 -8.00
N GLY D 157 -20.29 -0.47 -7.56
CA GLY D 157 -20.57 -1.59 -8.43
C GLY D 157 -19.41 -2.53 -8.68
N HIS D 158 -18.19 -2.20 -8.24
CA HIS D 158 -16.97 -2.93 -8.60
C HIS D 158 -16.56 -4.00 -7.59
N SER D 159 -17.39 -4.34 -6.60
CA SER D 159 -16.88 -5.15 -5.48
C SER D 159 -16.22 -6.46 -5.93
N ILE D 160 -16.94 -7.34 -6.62
CA ILE D 160 -16.34 -8.63 -6.95
C ILE D 160 -15.25 -8.47 -8.00
N TYR D 161 -15.51 -7.63 -9.02
CA TYR D 161 -14.49 -7.38 -10.04
C TYR D 161 -13.18 -6.92 -9.41
N SER D 162 -13.23 -5.86 -8.59
CA SER D 162 -12.03 -5.34 -7.96
CA SER D 162 -12.02 -5.35 -7.98
C SER D 162 -11.40 -6.35 -7.00
N SER D 163 -12.21 -7.17 -6.34
CA SER D 163 -11.63 -8.19 -5.46
C SER D 163 -10.82 -9.21 -6.26
N THR D 164 -11.32 -9.63 -7.43
CA THR D 164 -10.52 -10.57 -8.22
C THR D 164 -9.22 -9.90 -8.67
N LYS D 165 -9.23 -8.58 -8.92
CA LYS D 165 -7.99 -7.90 -9.32
C LYS D 165 -7.03 -7.71 -8.16
N GLY D 166 -7.55 -7.45 -6.96
CA GLY D 166 -6.69 -7.49 -5.78
C GLY D 166 -6.06 -8.86 -5.59
N ALA D 167 -6.81 -9.93 -5.89
CA ALA D 167 -6.22 -11.26 -5.82
C ALA D 167 -5.08 -11.38 -6.83
N ILE D 168 -5.30 -10.88 -8.05
CA ILE D 168 -4.25 -10.94 -9.09
CA ILE D 168 -4.25 -10.94 -9.09
C ILE D 168 -3.00 -10.19 -8.63
N ASN D 169 -3.18 -9.02 -8.02
CA ASN D 169 -2.04 -8.24 -7.55
C ASN D 169 -1.21 -9.02 -6.54
N GLN D 170 -1.85 -9.72 -5.60
CA GLN D 170 -1.10 -10.54 -4.65
C GLN D 170 -0.40 -11.70 -5.36
N LEU D 171 -1.12 -12.40 -6.24
CA LEU D 171 -0.53 -13.51 -6.98
C LEU D 171 0.72 -13.08 -7.75
N THR D 172 0.72 -11.85 -8.27
CA THR D 172 1.90 -11.28 -8.90
C THR D 172 3.12 -11.38 -7.99
N ARG D 173 2.93 -11.10 -6.69
CA ARG D 173 4.06 -11.12 -5.77
C ARG D 173 4.51 -12.55 -5.50
N ASN D 174 3.56 -13.47 -5.33
CA ASN D 174 3.97 -14.85 -5.12
C ASN D 174 4.69 -15.40 -6.34
N LEU D 175 4.19 -15.11 -7.54
CA LEU D 175 4.88 -15.55 -8.75
C LEU D 175 6.28 -14.96 -8.86
N ALA D 176 6.41 -13.66 -8.58
CA ALA D 176 7.72 -13.03 -8.69
C ALA D 176 8.73 -13.72 -7.81
N CYS D 177 8.33 -14.08 -6.59
CA CYS D 177 9.31 -14.66 -5.67
C CYS D 177 9.56 -16.13 -5.95
N GLU D 178 8.51 -16.91 -6.25
CA GLU D 178 8.68 -18.35 -6.40
C GLU D 178 9.45 -18.70 -7.67
N TRP D 179 9.29 -17.94 -8.75
CA TRP D 179 9.88 -18.32 -10.05
C TRP D 179 11.06 -17.45 -10.45
N ALA D 180 11.55 -16.58 -9.56
CA ALA D 180 12.75 -15.81 -9.87
C ALA D 180 13.93 -16.73 -10.15
N LYS D 181 14.01 -17.87 -9.45
CA LYS D 181 15.09 -18.82 -9.64
C LYS D 181 15.11 -19.39 -11.06
N ASP D 182 13.97 -19.34 -11.77
CA ASP D 182 13.89 -19.74 -13.16
C ASP D 182 14.08 -18.56 -14.12
N ASN D 183 14.56 -17.44 -13.61
CA ASN D 183 14.74 -16.20 -14.38
C ASN D 183 13.44 -15.76 -15.05
N ILE D 184 12.33 -15.92 -14.33
CA ILE D 184 11.01 -15.44 -14.75
C ILE D 184 10.64 -14.26 -13.85
N ARG D 185 10.27 -13.13 -14.47
CA ARG D 185 9.72 -12.00 -13.72
C ARG D 185 8.22 -11.91 -13.95
N THR D 186 7.52 -11.43 -12.92
CA THR D 186 6.08 -11.28 -12.98
C THR D 186 5.72 -9.90 -12.46
N ASN D 187 4.90 -9.18 -13.22
CA ASN D 187 4.45 -7.86 -12.80
C ASN D 187 3.00 -7.69 -13.21
N SER D 188 2.35 -6.67 -12.66
CA SER D 188 0.96 -6.36 -12.96
CA SER D 188 0.97 -6.36 -12.97
C SER D 188 0.83 -4.90 -13.39
N ILE D 189 0.06 -4.66 -14.44
CA ILE D 189 -0.29 -3.31 -14.87
C ILE D 189 -1.75 -3.09 -14.48
N ALA D 190 -2.02 -1.98 -13.81
CA ALA D 190 -3.36 -1.72 -13.27
C ALA D 190 -3.95 -0.51 -13.97
N PRO D 191 -4.64 -0.67 -15.11
CA PRO D 191 -5.12 0.50 -15.83
C PRO D 191 -6.30 1.14 -15.12
N GLY D 192 -6.43 2.45 -15.36
CA GLY D 192 -7.60 3.18 -14.92
C GLY D 192 -8.65 3.16 -16.01
N ALA D 193 -9.22 4.32 -16.32
CA ALA D 193 -10.25 4.45 -17.34
C ALA D 193 -9.58 4.50 -18.71
N ILE D 194 -9.82 3.47 -19.52
CA ILE D 194 -9.21 3.33 -20.84
C ILE D 194 -10.32 3.28 -21.87
N ARG D 195 -10.11 3.94 -23.01
CA ARG D 195 -11.11 3.93 -24.07
C ARG D 195 -11.58 2.52 -24.35
N THR D 196 -12.89 2.35 -24.38
CA THR D 196 -13.46 1.05 -24.66
C THR D 196 -13.70 0.94 -26.16
N PRO D 197 -13.16 -0.08 -26.82
CA PRO D 197 -13.43 -0.25 -28.25
C PRO D 197 -14.92 -0.40 -28.52
N GLY D 198 -15.40 0.33 -29.52
CA GLY D 198 -16.81 0.25 -29.87
C GLY D 198 -17.15 -1.02 -30.64
N THR D 199 -18.42 -1.40 -30.57
CA THR D 199 -18.98 -2.49 -31.35
C THR D 199 -20.21 -1.98 -32.08
N GLU D 200 -20.72 -2.80 -33.00
CA GLU D 200 -21.90 -2.41 -33.76
C GLU D 200 -23.19 -2.45 -32.93
N SER D 201 -23.17 -3.07 -31.76
CA SER D 201 -24.43 -3.37 -31.11
C SER D 201 -24.49 -3.03 -29.63
N PHE D 202 -23.39 -2.65 -29.00
CA PHE D 202 -23.40 -2.29 -27.58
C PHE D 202 -23.35 -0.76 -27.43
N VAL D 203 -24.22 -0.23 -26.58
CA VAL D 203 -24.25 1.21 -26.34
C VAL D 203 -23.55 1.47 -25.02
N ILE D 204 -22.47 2.26 -25.08
CA ILE D 204 -21.64 2.51 -23.90
C ILE D 204 -22.35 3.48 -22.97
N ASP D 205 -22.21 3.25 -21.67
CA ASP D 205 -22.78 4.14 -20.64
C ASP D 205 -21.93 5.40 -20.54
N LYS D 206 -22.37 6.47 -21.22
CA LYS D 206 -21.55 7.68 -21.25
C LYS D 206 -21.55 8.42 -19.92
N ASP D 207 -22.60 8.29 -19.12
CA ASP D 207 -22.61 8.92 -17.81
C ASP D 207 -21.59 8.27 -16.88
N ALA D 208 -21.51 6.93 -16.90
CA ALA D 208 -20.49 6.25 -16.13
C ALA D 208 -19.09 6.64 -16.61
N LEU D 209 -18.90 6.75 -17.92
CA LEU D 209 -17.58 7.13 -18.43
C LEU D 209 -17.20 8.53 -17.95
N ASP D 210 -18.13 9.47 -18.05
CA ASP D 210 -17.87 10.83 -17.59
C ASP D 210 -17.58 10.88 -16.09
N ARG D 211 -18.22 10.02 -15.30
CA ARG D 211 -17.93 10.01 -13.87
C ARG D 211 -16.47 9.66 -13.60
N GLU D 212 -15.96 8.64 -14.28
CA GLU D 212 -14.60 8.21 -14.00
C GLU D 212 -13.58 9.21 -14.56
N VAL D 213 -13.85 9.75 -15.75
CA VAL D 213 -12.92 10.70 -16.35
C VAL D 213 -12.87 11.99 -15.53
N SER D 214 -13.97 12.37 -14.89
CA SER D 214 -13.97 13.57 -14.06
C SER D 214 -13.08 13.42 -12.84
N ARG D 215 -12.74 12.19 -12.44
CA ARG D 215 -11.86 11.97 -11.29
C ARG D 215 -10.40 11.80 -11.67
N VAL D 216 -10.06 11.91 -12.95
CA VAL D 216 -8.69 11.82 -13.41
C VAL D 216 -8.07 13.23 -13.36
N PRO D 217 -6.98 13.44 -12.63
CA PRO D 217 -6.27 14.73 -12.72
C PRO D 217 -6.10 15.20 -14.16
N PHE D 218 -5.65 14.31 -15.04
CA PHE D 218 -5.42 14.65 -16.44
C PHE D 218 -6.70 15.04 -17.17
N GLY D 219 -7.86 14.70 -16.62
CA GLY D 219 -9.12 15.08 -17.24
C GLY D 219 -9.44 14.38 -18.54
N ARG D 220 -8.76 13.29 -18.85
CA ARG D 220 -9.00 12.58 -20.09
C ARG D 220 -8.94 11.08 -19.84
N ILE D 221 -9.57 10.33 -20.75
CA ILE D 221 -9.56 8.88 -20.73
C ILE D 221 -8.24 8.38 -21.32
N GLY D 222 -7.79 7.21 -20.86
CA GLY D 222 -6.56 6.64 -21.36
C GLY D 222 -6.78 5.94 -22.69
N GLU D 223 -5.67 5.79 -23.45
CA GLU D 223 -5.82 5.02 -24.68
C GLU D 223 -5.18 3.65 -24.54
N PRO D 224 -5.62 2.65 -25.31
CA PRO D 224 -5.05 1.31 -25.14
C PRO D 224 -3.54 1.28 -25.32
N GLU D 225 -3.01 2.09 -26.22
CA GLU D 225 -1.57 2.14 -26.44
C GLU D 225 -0.82 2.60 -25.18
N GLU D 226 -1.49 3.35 -24.31
CA GLU D 226 -0.83 3.82 -23.09
C GLU D 226 -0.69 2.73 -22.04
N VAL D 227 -1.44 1.64 -22.17
CA VAL D 227 -1.20 0.44 -21.38
C VAL D 227 -0.22 -0.49 -22.09
N ALA D 228 -0.39 -0.65 -23.41
CA ALA D 228 0.46 -1.56 -24.16
C ALA D 228 1.93 -1.19 -24.08
N SER D 229 2.24 0.11 -24.04
CA SER D 229 3.63 0.54 -24.04
CA SER D 229 3.63 0.52 -24.04
C SER D 229 4.36 0.02 -22.80
N LEU D 230 3.70 0.11 -21.64
CA LEU D 230 4.32 -0.37 -20.42
C LEU D 230 4.42 -1.88 -20.38
N ALA D 231 3.46 -2.60 -20.98
CA ALA D 231 3.56 -4.06 -21.04
C ALA D 231 4.79 -4.50 -21.82
N ALA D 232 5.03 -3.86 -22.97
CA ALA D 232 6.23 -4.16 -23.75
C ALA D 232 7.50 -3.85 -22.95
N PHE D 233 7.58 -2.65 -22.37
CA PHE D 233 8.74 -2.29 -21.56
C PHE D 233 9.02 -3.32 -20.48
N LEU D 234 7.97 -3.79 -19.79
CA LEU D 234 8.18 -4.74 -18.72
C LEU D 234 8.71 -6.08 -19.23
N CYS D 235 8.54 -6.35 -20.51
CA CYS D 235 9.07 -7.58 -21.10
C CYS D 235 10.47 -7.44 -21.67
N MET D 236 11.05 -6.21 -21.66
CA MET D 236 12.35 -5.96 -22.27
C MET D 236 13.49 -6.33 -21.33
N PRO D 237 14.67 -6.64 -21.88
CA PRO D 237 15.85 -6.76 -21.00
C PRO D 237 16.04 -5.54 -20.10
N SER D 238 15.57 -4.36 -20.52
CA SER D 238 15.84 -3.18 -19.70
C SER D 238 15.02 -3.17 -18.41
N ALA D 239 14.02 -4.02 -18.28
CA ALA D 239 13.25 -4.16 -17.03
C ALA D 239 13.74 -5.33 -16.20
N SER D 240 15.03 -5.66 -16.29
CA SER D 240 15.54 -6.92 -15.74
C SER D 240 15.48 -6.96 -14.21
N TYR D 241 15.51 -5.82 -13.54
CA TYR D 241 15.43 -5.77 -12.09
C TYR D 241 14.04 -5.36 -11.59
N ILE D 242 13.02 -5.42 -12.45
CA ILE D 242 11.65 -5.07 -12.08
C ILE D 242 10.85 -6.36 -11.99
N THR D 243 10.46 -6.73 -10.78
CA THR D 243 9.59 -7.88 -10.64
C THR D 243 8.75 -7.72 -9.39
N GLY D 244 7.53 -8.26 -9.46
CA GLY D 244 6.63 -8.28 -8.33
C GLY D 244 5.89 -6.99 -8.09
N GLN D 245 5.92 -6.06 -9.05
CA GLN D 245 5.32 -4.74 -8.90
C GLN D 245 3.92 -4.69 -9.50
N VAL D 246 3.10 -3.80 -8.95
CA VAL D 246 1.81 -3.43 -9.52
C VAL D 246 1.89 -1.95 -9.86
N ILE D 247 1.81 -1.63 -11.16
CA ILE D 247 1.98 -0.27 -11.65
C ILE D 247 0.67 0.23 -12.23
N CYS D 248 0.14 1.30 -11.65
CA CYS D 248 -1.10 1.92 -12.14
C CYS D 248 -0.82 2.78 -13.37
N VAL D 249 -1.64 2.60 -14.41
CA VAL D 249 -1.65 3.44 -15.58
C VAL D 249 -3.01 4.11 -15.61
N ASP D 250 -3.17 5.20 -14.86
CA ASP D 250 -4.50 5.72 -14.59
C ASP D 250 -4.58 7.24 -14.59
N GLY D 251 -3.54 7.93 -15.05
CA GLY D 251 -3.57 9.38 -15.09
C GLY D 251 -3.69 10.03 -13.72
N GLY D 252 -3.32 9.32 -12.65
CA GLY D 252 -3.42 9.84 -11.30
C GLY D 252 -4.74 9.58 -10.64
N ARG D 253 -5.62 8.81 -11.29
CA ARG D 253 -6.97 8.58 -10.80
C ARG D 253 -6.99 8.14 -9.33
N THR D 254 -6.17 7.14 -8.96
CA THR D 254 -6.33 6.55 -7.62
C THR D 254 -5.78 7.45 -6.51
N ILE D 255 -4.86 8.37 -6.81
CA ILE D 255 -4.30 9.23 -5.78
C ILE D 255 -4.92 10.62 -5.78
N ASN D 256 -5.87 10.88 -6.66
CA ASN D 256 -6.44 12.21 -6.83
C ASN D 256 -7.47 12.46 -5.74
N GLY D 257 -7.10 13.27 -4.74
CA GLY D 257 -8.01 13.58 -3.65
C GLY D 257 -8.49 15.02 -3.64
#